data_3ABU
#
_entry.id   3ABU
#
_cell.length_a   183.700
_cell.length_b   183.700
_cell.length_c   109.250
_cell.angle_alpha   90.00
_cell.angle_beta   90.00
_cell.angle_gamma   120.00
#
_symmetry.space_group_name_H-M   'P 61 2 2'
#
loop_
_entity.id
_entity.type
_entity.pdbx_description
1 polymer 'Lysine-specific histone demethylase 1'
2 non-polymer '[(2R,3S,4R,5R)-5-(6-amino-9H-purin-9-yl)-3,4-dihydroxytetrahydrofuran-2-yl]methyl (2R,3S,4S)-5-[(1R,3R,3aS)-3-[2-(benzyloxy)-3-fluorophenyl]-1-hydroxy-10,11-dimethyl-4,6-dioxo-2,3,5,6-tetrahydro-1H-benzo[g]pyrrolo[2,1-e]pteridin-8(4H)-yl]-2,3,4-trihydroxypentyl dihydrogen diphosphate'
#
_entity_poly.entity_id   1
_entity_poly.type   'polypeptide(L)'
_entity_poly.pdbx_seq_one_letter_code
;SGVEGAAFQSRLPHDRMTSQEAACFPDIISGPQQTQKVFLFIRNRTLQLWLDNPKIQLTFEATLQQLEAPYNSDTVLVHR
VHSYLERHGLINFGIYKRIKPLPTKKTGKVIIIGSGVSGLAAARQLQSFGMDVTLLEARDRVGGRVATFRKGNYVADLGA
MVVTGLGGNPMAVVSKQVNMELAKIKQKCPLYEANGQAVPKEKDEMVEQEFNRLLEATSYLSHQLDFNVLNNKPVSLGQA
LEVVIQLQEKHVKDEQIEHWKKIVKTQEELKELLNKMVNLKEKIKELHQQYKEASEVKPPRDITAEFLVKSKHRDLTALC
KEYDELAETQGKLEEKLQELEANPPSDVYLSSRDRQILDWHFANLEFANATPLSTLSLKHWDQDDDFEFTGSHLTVRNGY
SCVPVALAEGLDIKLNTAVRQVRYTASGCEVIAVNTRSTSQTFIYKCDAVLCTLPLGVLKQQPPAVQFVPPLPEWKTSAV
QRMGFGNLNKVVLCFDRVFWDPSVNLFGHVGSTTASRGELFLFWNLYKAPILLALVAGEAAGIMENISDDVIVGRCLAIL
KGIFGSSAVPQPKETVVSRWRADPWARGSYSYVAAGSSGNDYDLMAQPITPGPSIPGAPQPIPRLFFAGEHTIRNYPATV
HGALLSGLREAGRIADQFLGAM
;
_entity_poly.pdbx_strand_id   A
#
# COMPACT_ATOMS: atom_id res chain seq x y z
N SER A 1 -4.97 11.51 -28.92
CA SER A 1 -4.59 10.09 -28.63
C SER A 1 -5.78 9.31 -28.04
N GLY A 2 -6.91 9.36 -28.74
CA GLY A 2 -8.11 8.66 -28.30
C GLY A 2 -7.89 7.16 -28.21
N VAL A 3 -7.63 6.53 -29.35
CA VAL A 3 -7.40 5.09 -29.37
C VAL A 3 -6.16 4.79 -28.54
N GLU A 4 -5.29 5.79 -28.45
CA GLU A 4 -4.09 5.65 -27.68
C GLU A 4 -4.49 5.63 -26.21
N GLY A 5 -5.41 6.53 -25.85
CA GLY A 5 -5.88 6.60 -24.48
C GLY A 5 -6.53 5.30 -24.05
N ALA A 6 -7.47 4.83 -24.87
CA ALA A 6 -8.18 3.59 -24.57
C ALA A 6 -7.23 2.46 -24.21
N ALA A 7 -6.13 2.31 -24.95
CA ALA A 7 -5.18 1.23 -24.67
C ALA A 7 -4.51 1.43 -23.33
N PHE A 8 -4.26 2.68 -22.97
CA PHE A 8 -3.63 2.99 -21.70
C PHE A 8 -4.57 2.72 -20.56
N GLN A 9 -5.80 3.23 -20.72
CA GLN A 9 -6.81 3.04 -19.70
C GLN A 9 -7.10 1.55 -19.51
N SER A 10 -6.58 0.71 -20.42
CA SER A 10 -6.78 -0.74 -20.35
C SER A 10 -5.52 -1.48 -19.89
N ARG A 11 -4.56 -0.74 -19.34
CA ARG A 11 -3.31 -1.32 -18.86
C ARG A 11 -2.59 -2.07 -19.99
N LEU A 12 -2.72 -1.53 -21.19
CA LEU A 12 -2.08 -2.11 -22.38
C LEU A 12 -1.29 -1.06 -23.15
N PRO A 13 -0.22 -1.49 -23.83
CA PRO A 13 0.61 -0.58 -24.62
C PRO A 13 -0.02 -0.39 -26.00
N HIS A 14 -0.42 0.85 -26.29
CA HIS A 14 -1.08 1.17 -27.55
C HIS A 14 -0.34 0.85 -28.84
N ASP A 15 0.99 0.85 -28.79
CA ASP A 15 1.74 0.63 -30.01
C ASP A 15 2.44 -0.72 -30.16
N ARG A 16 2.01 -1.73 -29.42
CA ARG A 16 2.63 -3.03 -29.58
C ARG A 16 1.77 -4.13 -28.97
N MET A 17 2.10 -5.38 -29.25
CA MET A 17 1.32 -6.48 -28.73
C MET A 17 1.93 -7.09 -27.48
N THR A 18 1.04 -7.55 -26.60
CA THR A 18 1.45 -8.18 -25.34
C THR A 18 1.77 -9.64 -25.64
N SER A 19 2.50 -10.28 -24.73
CA SER A 19 2.86 -11.68 -24.94
C SER A 19 1.57 -12.48 -25.14
N GLN A 20 0.50 -12.00 -24.51
CA GLN A 20 -0.81 -12.63 -24.61
C GLN A 20 -1.35 -12.63 -26.04
N GLU A 21 -1.68 -11.43 -26.54
CA GLU A 21 -2.21 -11.26 -27.88
C GLU A 21 -1.28 -11.96 -28.86
N ALA A 22 0.01 -11.94 -28.54
CA ALA A 22 1.01 -12.56 -29.38
C ALA A 22 0.76 -14.06 -29.42
N ALA A 23 0.33 -14.63 -28.29
CA ALA A 23 0.03 -16.06 -28.20
C ALA A 23 -1.25 -16.42 -28.94
N CYS A 24 -2.30 -15.63 -28.71
CA CYS A 24 -3.61 -15.85 -29.32
C CYS A 24 -3.66 -15.48 -30.80
N PHE A 25 -2.76 -14.59 -31.21
CA PHE A 25 -2.70 -14.17 -32.62
C PHE A 25 -1.30 -14.35 -33.19
N PRO A 26 -0.73 -15.56 -33.04
CA PRO A 26 0.63 -15.85 -33.55
C PRO A 26 0.79 -15.66 -35.07
N ASP A 27 -0.34 -15.63 -35.78
CA ASP A 27 -0.33 -15.44 -37.21
C ASP A 27 -0.05 -13.99 -37.54
N ILE A 28 -0.33 -13.14 -36.58
CA ILE A 28 -0.14 -11.72 -36.77
C ILE A 28 1.20 -11.25 -36.26
N ILE A 29 1.54 -11.66 -35.04
CA ILE A 29 2.80 -11.29 -34.41
C ILE A 29 3.94 -11.67 -35.37
N SER A 30 3.90 -12.89 -35.88
CA SER A 30 4.93 -13.36 -36.81
C SER A 30 4.38 -13.28 -38.23
N GLY A 31 4.14 -12.05 -38.69
CA GLY A 31 3.61 -11.84 -40.02
C GLY A 31 3.83 -10.39 -40.40
N PRO A 32 3.31 -9.94 -41.56
CA PRO A 32 3.47 -8.55 -41.99
C PRO A 32 3.26 -7.57 -40.84
N GLN A 33 4.31 -6.83 -40.48
CA GLN A 33 4.21 -5.86 -39.41
C GLN A 33 3.07 -4.87 -39.73
N GLN A 34 2.74 -4.76 -41.02
CA GLN A 34 1.67 -3.87 -41.45
C GLN A 34 0.34 -4.37 -40.90
N THR A 35 0.24 -5.68 -40.70
CA THR A 35 -1.00 -6.24 -40.15
C THR A 35 -1.05 -5.97 -38.65
N GLN A 36 0.10 -6.11 -38.00
CA GLN A 36 0.18 -5.87 -36.56
C GLN A 36 -0.32 -4.47 -36.25
N LYS A 37 0.09 -3.52 -37.10
CA LYS A 37 -0.33 -2.13 -36.96
C LYS A 37 -1.86 -2.08 -36.94
N VAL A 38 -2.47 -2.82 -37.87
CA VAL A 38 -3.93 -2.88 -37.99
C VAL A 38 -4.60 -3.53 -36.77
N PHE A 39 -4.06 -4.68 -36.37
CA PHE A 39 -4.56 -5.42 -35.23
C PHE A 39 -4.72 -4.46 -34.07
N LEU A 40 -3.63 -3.78 -33.72
CA LEU A 40 -3.65 -2.84 -32.61
C LEU A 40 -4.73 -1.76 -32.74
N PHE A 41 -4.83 -1.16 -33.91
CA PHE A 41 -5.83 -0.12 -34.09
C PHE A 41 -7.22 -0.69 -33.89
N ILE A 42 -7.41 -1.95 -34.25
CA ILE A 42 -8.72 -2.57 -34.07
C ILE A 42 -8.91 -2.72 -32.57
N ARG A 43 -7.91 -3.27 -31.90
CA ARG A 43 -8.00 -3.43 -30.46
C ARG A 43 -8.27 -2.07 -29.78
N ASN A 44 -7.39 -1.10 -30.02
CA ASN A 44 -7.50 0.23 -29.44
C ASN A 44 -8.81 0.93 -29.78
N ARG A 45 -9.33 0.64 -30.97
CA ARG A 45 -10.57 1.27 -31.40
C ARG A 45 -11.78 0.61 -30.73
N THR A 46 -11.70 -0.71 -30.53
CA THR A 46 -12.78 -1.44 -29.88
C THR A 46 -12.90 -1.00 -28.43
N LEU A 47 -11.80 -1.11 -27.69
CA LEU A 47 -11.76 -0.70 -26.28
C LEU A 47 -12.36 0.70 -26.17
N GLN A 48 -11.89 1.59 -27.03
CA GLN A 48 -12.37 2.96 -27.03
C GLN A 48 -13.90 2.98 -26.98
N LEU A 49 -14.53 2.37 -27.98
CA LEU A 49 -15.97 2.32 -28.06
C LEU A 49 -16.58 1.88 -26.73
N TRP A 50 -16.09 0.76 -26.19
CA TRP A 50 -16.55 0.23 -24.91
C TRP A 50 -16.35 1.26 -23.79
N LEU A 51 -15.12 1.74 -23.63
CA LEU A 51 -14.83 2.71 -22.59
C LEU A 51 -15.62 4.00 -22.76
N ASP A 52 -15.85 4.43 -23.99
CA ASP A 52 -16.61 5.66 -24.23
C ASP A 52 -18.09 5.45 -23.96
N ASN A 53 -18.43 4.31 -23.38
CA ASN A 53 -19.81 3.99 -23.03
C ASN A 53 -19.87 2.57 -22.53
N PRO A 54 -19.47 2.35 -21.28
CA PRO A 54 -19.46 1.02 -20.67
C PRO A 54 -20.80 0.61 -20.07
N LYS A 55 -21.83 1.43 -20.27
CA LYS A 55 -23.15 1.11 -19.73
C LYS A 55 -23.95 0.12 -20.58
N ILE A 56 -23.62 0.08 -21.87
CA ILE A 56 -24.31 -0.81 -22.79
C ILE A 56 -23.31 -1.78 -23.41
N GLN A 57 -23.73 -3.04 -23.54
CA GLN A 57 -22.87 -4.08 -24.10
C GLN A 57 -22.35 -3.77 -25.50
N LEU A 58 -21.02 -3.75 -25.66
CA LEU A 58 -20.47 -3.51 -26.98
C LEU A 58 -20.40 -4.85 -27.70
N THR A 59 -21.10 -4.95 -28.83
CA THR A 59 -21.14 -6.18 -29.61
C THR A 59 -20.21 -6.15 -30.81
N PHE A 60 -20.00 -7.35 -31.34
CA PHE A 60 -19.16 -7.57 -32.51
C PHE A 60 -19.75 -6.78 -33.69
N GLU A 61 -21.07 -6.81 -33.75
CA GLU A 61 -21.80 -6.11 -34.78
C GLU A 61 -21.60 -4.59 -34.60
N ALA A 62 -21.93 -4.11 -33.40
CA ALA A 62 -21.83 -2.69 -33.07
C ALA A 62 -20.41 -2.16 -33.30
N THR A 63 -19.42 -3.01 -33.05
CA THR A 63 -18.02 -2.64 -33.22
C THR A 63 -17.77 -2.44 -34.72
N LEU A 64 -18.13 -3.46 -35.49
CA LEU A 64 -17.96 -3.46 -36.93
C LEU A 64 -18.60 -2.27 -37.62
N GLN A 65 -19.70 -1.79 -37.06
CA GLN A 65 -20.39 -0.66 -37.66
C GLN A 65 -19.86 0.69 -37.21
N GLN A 66 -18.88 0.70 -36.31
CA GLN A 66 -18.34 1.96 -35.84
C GLN A 66 -16.91 2.18 -36.27
N LEU A 67 -16.26 1.12 -36.72
CA LEU A 67 -14.90 1.24 -37.20
C LEU A 67 -15.01 1.96 -38.54
N GLU A 68 -13.95 2.61 -38.96
CA GLU A 68 -13.96 3.31 -40.24
C GLU A 68 -13.18 2.51 -41.28
N ALA A 69 -13.36 2.86 -42.55
CA ALA A 69 -12.64 2.17 -43.62
C ALA A 69 -11.14 2.34 -43.38
N PRO A 70 -10.31 1.35 -43.75
CA PRO A 70 -10.60 0.06 -44.39
C PRO A 70 -10.88 -1.07 -43.42
N TYR A 71 -10.75 -0.78 -42.13
CA TYR A 71 -10.94 -1.75 -41.06
C TYR A 71 -12.29 -2.46 -41.15
N ASN A 72 -13.35 -1.65 -41.20
CA ASN A 72 -14.72 -2.16 -41.29
C ASN A 72 -14.90 -3.29 -42.29
N SER A 73 -13.92 -3.44 -43.19
CA SER A 73 -13.97 -4.47 -44.22
C SER A 73 -13.37 -5.80 -43.80
N ASP A 74 -12.47 -5.77 -42.83
CA ASP A 74 -11.89 -7.01 -42.37
C ASP A 74 -12.77 -7.57 -41.27
N THR A 75 -13.96 -8.01 -41.66
CA THR A 75 -14.92 -8.56 -40.73
C THR A 75 -14.27 -9.57 -39.81
N VAL A 76 -13.64 -10.59 -40.39
CA VAL A 76 -13.00 -11.62 -39.59
C VAL A 76 -12.12 -11.08 -38.45
N LEU A 77 -11.09 -10.31 -38.78
CA LEU A 77 -10.19 -9.78 -37.76
C LEU A 77 -10.98 -9.08 -36.67
N VAL A 78 -11.80 -8.10 -37.04
CA VAL A 78 -12.59 -7.38 -36.05
C VAL A 78 -13.13 -8.41 -35.09
N HIS A 79 -13.91 -9.35 -35.60
CA HIS A 79 -14.46 -10.41 -34.77
C HIS A 79 -13.36 -11.02 -33.87
N ARG A 80 -12.38 -11.67 -34.50
CA ARG A 80 -11.28 -12.28 -33.77
C ARG A 80 -10.75 -11.44 -32.60
N VAL A 81 -10.69 -10.13 -32.80
CA VAL A 81 -10.21 -9.22 -31.77
C VAL A 81 -11.29 -9.01 -30.71
N HIS A 82 -12.43 -8.49 -31.15
CA HIS A 82 -13.58 -8.23 -30.28
C HIS A 82 -13.83 -9.44 -29.38
N SER A 83 -13.79 -10.63 -29.97
CA SER A 83 -13.99 -11.84 -29.20
C SER A 83 -12.88 -11.84 -28.16
N TYR A 84 -11.63 -11.99 -28.60
CA TYR A 84 -10.51 -11.99 -27.65
C TYR A 84 -10.72 -10.99 -26.51
N LEU A 85 -10.96 -9.72 -26.85
CA LEU A 85 -11.15 -8.68 -25.83
C LEU A 85 -12.26 -9.03 -24.83
N GLU A 86 -13.36 -9.55 -25.35
CA GLU A 86 -14.50 -9.93 -24.51
C GLU A 86 -14.16 -11.12 -23.60
N ARG A 87 -13.59 -12.16 -24.19
CA ARG A 87 -13.27 -13.37 -23.43
C ARG A 87 -12.38 -13.09 -22.23
N HIS A 88 -11.49 -12.13 -22.42
CA HIS A 88 -10.55 -11.76 -21.39
C HIS A 88 -10.98 -10.59 -20.53
N GLY A 89 -12.27 -10.31 -20.55
CA GLY A 89 -12.83 -9.24 -19.75
C GLY A 89 -12.29 -7.84 -19.95
N LEU A 90 -11.93 -7.47 -21.17
CA LEU A 90 -11.42 -6.14 -21.42
C LEU A 90 -12.54 -5.23 -21.90
N ILE A 91 -13.64 -5.86 -22.30
CA ILE A 91 -14.85 -5.16 -22.74
C ILE A 91 -15.99 -6.02 -22.26
N ASN A 92 -17.18 -5.41 -22.11
CA ASN A 92 -18.34 -6.16 -21.67
C ASN A 92 -18.03 -6.91 -20.37
N PHE A 93 -17.84 -6.14 -19.31
CA PHE A 93 -17.60 -6.66 -17.98
C PHE A 93 -18.13 -5.59 -17.01
N GLY A 94 -18.40 -5.99 -15.77
CA GLY A 94 -18.94 -5.03 -14.82
C GLY A 94 -20.45 -5.18 -14.92
N ILE A 95 -21.16 -4.08 -15.15
CA ILE A 95 -22.61 -4.15 -15.25
C ILE A 95 -23.10 -3.24 -16.37
N TYR A 96 -23.68 -3.84 -17.40
CA TYR A 96 -24.17 -3.10 -18.56
C TYR A 96 -25.47 -3.68 -19.10
N LYS A 97 -26.18 -2.89 -19.91
CA LYS A 97 -27.42 -3.35 -20.52
C LYS A 97 -27.05 -4.34 -21.64
N ARG A 98 -27.70 -5.49 -21.68
CA ARG A 98 -27.44 -6.46 -22.74
C ARG A 98 -28.36 -6.15 -23.92
N ILE A 99 -27.79 -5.90 -25.08
CA ILE A 99 -28.61 -5.65 -26.25
C ILE A 99 -28.77 -6.99 -26.95
N LYS A 100 -28.00 -7.96 -26.51
CA LYS A 100 -28.07 -9.31 -27.04
C LYS A 100 -28.35 -10.26 -25.88
N PRO A 101 -29.64 -10.50 -25.59
CA PRO A 101 -30.11 -11.38 -24.51
C PRO A 101 -29.46 -12.76 -24.42
N LEU A 102 -29.18 -13.15 -23.18
CA LEU A 102 -28.55 -14.42 -22.86
C LEU A 102 -29.30 -15.62 -23.40
N PRO A 103 -28.55 -16.64 -23.86
CA PRO A 103 -29.16 -17.85 -24.41
C PRO A 103 -29.73 -18.68 -23.24
N THR A 104 -30.92 -19.26 -23.44
CA THR A 104 -31.57 -20.07 -22.43
C THR A 104 -30.74 -21.30 -22.05
N LYS A 105 -30.14 -21.90 -23.09
CA LYS A 105 -29.28 -23.09 -22.99
C LYS A 105 -27.94 -22.74 -22.35
N LYS A 106 -27.79 -23.08 -21.08
CA LYS A 106 -26.55 -22.80 -20.36
C LYS A 106 -25.60 -24.00 -20.36
N THR A 107 -24.43 -23.80 -20.96
CA THR A 107 -23.41 -24.83 -21.10
C THR A 107 -22.37 -24.81 -19.98
N GLY A 108 -22.05 -25.98 -19.43
CA GLY A 108 -21.08 -26.09 -18.37
C GLY A 108 -21.52 -25.51 -17.04
N LYS A 109 -21.35 -26.28 -15.98
CA LYS A 109 -21.72 -25.87 -14.63
C LYS A 109 -20.50 -25.68 -13.73
N VAL A 110 -20.29 -24.44 -13.30
CA VAL A 110 -19.18 -24.10 -12.43
C VAL A 110 -19.68 -23.46 -11.12
N ILE A 111 -19.08 -23.84 -10.00
CA ILE A 111 -19.47 -23.27 -8.70
C ILE A 111 -18.36 -22.36 -8.18
N ILE A 112 -18.75 -21.16 -7.77
CA ILE A 112 -17.80 -20.19 -7.23
C ILE A 112 -17.89 -20.13 -5.70
N ILE A 113 -16.73 -20.19 -5.04
CA ILE A 113 -16.66 -20.13 -3.59
C ILE A 113 -16.38 -18.67 -3.20
N GLY A 114 -17.26 -18.11 -2.37
CA GLY A 114 -17.12 -16.73 -1.94
C GLY A 114 -17.81 -15.80 -2.93
N SER A 115 -18.40 -14.72 -2.42
CA SER A 115 -19.08 -13.77 -3.29
C SER A 115 -18.46 -12.37 -3.20
N GLY A 116 -17.13 -12.31 -3.08
CA GLY A 116 -16.44 -11.03 -3.02
C GLY A 116 -16.35 -10.40 -4.40
N VAL A 117 -15.68 -9.25 -4.52
CA VAL A 117 -15.59 -8.65 -5.83
C VAL A 117 -14.98 -9.61 -6.83
N SER A 118 -13.94 -10.34 -6.42
CA SER A 118 -13.31 -11.29 -7.34
C SER A 118 -14.38 -12.28 -7.77
N GLY A 119 -15.07 -12.88 -6.80
CA GLY A 119 -16.11 -13.85 -7.10
C GLY A 119 -17.22 -13.37 -8.03
N LEU A 120 -17.88 -12.29 -7.65
CA LEU A 120 -18.98 -11.73 -8.45
C LEU A 120 -18.54 -11.44 -9.89
N ALA A 121 -17.38 -10.78 -10.02
CA ALA A 121 -16.80 -10.41 -11.30
C ALA A 121 -16.79 -11.60 -12.26
N ALA A 122 -16.12 -12.67 -11.85
CA ALA A 122 -16.04 -13.88 -12.67
C ALA A 122 -17.45 -14.43 -12.94
N ALA A 123 -18.26 -14.48 -11.88
CA ALA A 123 -19.61 -14.99 -11.98
C ALA A 123 -20.30 -14.29 -13.12
N ARG A 124 -20.29 -12.95 -13.13
CA ARG A 124 -20.96 -12.21 -14.20
C ARG A 124 -20.38 -12.50 -15.57
N GLN A 125 -19.10 -12.85 -15.62
CA GLN A 125 -18.46 -13.17 -16.88
C GLN A 125 -18.91 -14.55 -17.37
N LEU A 126 -18.71 -15.57 -16.54
CA LEU A 126 -19.13 -16.92 -16.89
C LEU A 126 -20.60 -17.00 -17.31
N GLN A 127 -21.44 -16.16 -16.72
CA GLN A 127 -22.85 -16.15 -17.06
C GLN A 127 -23.11 -15.42 -18.37
N SER A 128 -22.36 -14.36 -18.64
CA SER A 128 -22.54 -13.60 -19.88
C SER A 128 -22.01 -14.46 -21.03
N PHE A 129 -21.18 -15.44 -20.68
CA PHE A 129 -20.63 -16.36 -21.66
C PHE A 129 -21.54 -17.57 -21.74
N GLY A 130 -22.71 -17.43 -21.11
CA GLY A 130 -23.72 -18.48 -21.11
C GLY A 130 -23.41 -19.78 -20.38
N MET A 131 -22.80 -19.71 -19.21
CA MET A 131 -22.50 -20.90 -18.43
C MET A 131 -23.40 -20.96 -17.20
N ASP A 132 -23.54 -22.15 -16.62
CA ASP A 132 -24.37 -22.27 -15.43
C ASP A 132 -23.50 -22.08 -14.21
N VAL A 133 -23.66 -20.93 -13.57
CA VAL A 133 -22.85 -20.61 -12.42
C VAL A 133 -23.62 -20.15 -11.19
N THR A 134 -23.20 -20.71 -10.06
CA THR A 134 -23.78 -20.42 -8.75
C THR A 134 -22.66 -20.14 -7.76
N LEU A 135 -22.83 -19.08 -6.99
CA LEU A 135 -21.83 -18.68 -5.99
C LEU A 135 -22.32 -19.05 -4.59
N LEU A 136 -21.49 -19.79 -3.87
CA LEU A 136 -21.80 -20.21 -2.52
C LEU A 136 -21.09 -19.26 -1.56
N GLU A 137 -21.87 -18.47 -0.83
CA GLU A 137 -21.30 -17.46 0.08
C GLU A 137 -21.60 -17.69 1.55
N ALA A 138 -20.54 -17.85 2.33
CA ALA A 138 -20.65 -18.08 3.75
C ALA A 138 -21.47 -17.03 4.51
N ARG A 139 -21.27 -15.76 4.17
CA ARG A 139 -21.94 -14.64 4.84
C ARG A 139 -23.40 -14.43 4.47
N ASP A 140 -24.09 -13.58 5.22
CA ASP A 140 -25.49 -13.28 4.93
C ASP A 140 -25.55 -12.01 4.10
N ARG A 141 -24.48 -11.76 3.35
CA ARG A 141 -24.39 -10.60 2.48
C ARG A 141 -23.26 -10.81 1.48
N VAL A 142 -23.29 -10.08 0.36
CA VAL A 142 -22.21 -10.20 -0.61
C VAL A 142 -21.23 -9.07 -0.29
N GLY A 143 -20.11 -9.03 -1.01
CA GLY A 143 -19.13 -7.98 -0.79
C GLY A 143 -17.81 -8.47 -0.20
N GLY A 144 -17.92 -9.48 0.66
CA GLY A 144 -16.75 -10.04 1.29
C GLY A 144 -15.98 -8.96 2.02
N ARG A 145 -14.74 -8.73 1.59
CA ARG A 145 -13.90 -7.72 2.22
C ARG A 145 -14.33 -6.30 1.92
N VAL A 146 -15.47 -6.19 1.23
CA VAL A 146 -16.07 -4.90 0.95
C VAL A 146 -17.34 -4.99 1.79
N ALA A 147 -17.34 -4.22 2.87
CA ALA A 147 -18.44 -4.15 3.81
C ALA A 147 -18.78 -2.68 4.08
N THR A 148 -20.07 -2.35 3.99
CA THR A 148 -20.49 -0.97 4.24
C THR A 148 -21.61 -0.87 5.24
N PHE A 149 -21.39 -0.07 6.28
CA PHE A 149 -22.37 0.17 7.32
C PHE A 149 -23.36 1.22 6.83
N ARG A 150 -24.64 0.87 6.77
CA ARG A 150 -25.66 1.80 6.31
C ARG A 150 -26.82 1.81 7.32
N LYS A 151 -27.18 2.99 7.81
CA LYS A 151 -28.26 3.11 8.78
C LYS A 151 -28.59 4.60 8.75
N GLY A 152 -29.85 4.96 8.52
CA GLY A 152 -30.21 6.36 8.46
C GLY A 152 -29.42 7.00 7.34
N ASN A 153 -28.85 8.17 7.57
CA ASN A 153 -28.06 8.77 6.49
C ASN A 153 -26.61 8.36 6.71
N TYR A 154 -26.41 7.48 7.69
CA TYR A 154 -25.07 7.01 8.04
C TYR A 154 -24.54 5.98 7.07
N VAL A 155 -23.32 6.25 6.62
CA VAL A 155 -22.58 5.41 5.69
C VAL A 155 -21.11 5.41 6.10
N ALA A 156 -20.50 4.24 6.05
CA ALA A 156 -19.09 4.09 6.41
C ALA A 156 -18.61 2.72 5.97
N ASP A 157 -17.40 2.67 5.43
CA ASP A 157 -16.81 1.43 4.97
C ASP A 157 -15.94 0.75 6.02
N LEU A 158 -16.33 -0.46 6.40
CA LEU A 158 -15.56 -1.24 7.37
C LEU A 158 -14.44 -2.02 6.67
N GLY A 159 -14.57 -2.18 5.36
CA GLY A 159 -13.56 -2.89 4.60
C GLY A 159 -12.77 -1.94 3.72
N ALA A 160 -12.62 -2.26 2.44
CA ALA A 160 -11.89 -1.37 1.55
C ALA A 160 -12.67 -0.06 1.52
N MET A 161 -11.98 1.04 1.23
CA MET A 161 -12.61 2.35 1.20
C MET A 161 -12.00 3.27 0.15
N VAL A 162 -10.77 2.96 -0.27
CA VAL A 162 -10.08 3.81 -1.23
C VAL A 162 -10.01 3.25 -2.64
N VAL A 163 -10.12 4.15 -3.62
CA VAL A 163 -10.01 3.80 -5.04
C VAL A 163 -8.75 4.52 -5.47
N THR A 164 -7.77 3.75 -5.94
CA THR A 164 -6.48 4.31 -6.30
C THR A 164 -6.24 4.77 -7.74
N GLY A 165 -6.43 6.07 -8.00
CA GLY A 165 -6.17 6.64 -9.32
C GLY A 165 -6.79 5.97 -10.54
N LEU A 166 -7.80 6.64 -11.10
CA LEU A 166 -8.55 6.14 -12.24
C LEU A 166 -7.78 5.73 -13.51
N GLY A 167 -6.67 6.40 -13.79
CA GLY A 167 -5.89 6.11 -14.98
C GLY A 167 -5.52 4.65 -15.12
N GLY A 168 -6.24 3.94 -15.99
CA GLY A 168 -5.95 2.53 -16.20
C GLY A 168 -6.57 1.61 -15.16
N ASN A 169 -7.40 2.18 -14.28
CA ASN A 169 -8.07 1.43 -13.22
C ASN A 169 -9.41 0.89 -13.72
N PRO A 170 -9.57 -0.44 -13.73
CA PRO A 170 -10.84 -1.02 -14.18
C PRO A 170 -12.04 -0.51 -13.38
N MET A 171 -11.82 -0.17 -12.13
CA MET A 171 -12.88 0.33 -11.27
C MET A 171 -13.48 1.62 -11.80
N ALA A 172 -12.71 2.33 -12.62
CA ALA A 172 -13.15 3.59 -13.19
C ALA A 172 -14.44 3.35 -13.99
N VAL A 173 -14.39 2.30 -14.80
CA VAL A 173 -15.51 1.87 -15.63
C VAL A 173 -16.65 1.56 -14.66
N VAL A 174 -16.38 0.60 -13.78
CA VAL A 174 -17.34 0.15 -12.78
C VAL A 174 -17.93 1.32 -12.01
N SER A 175 -17.08 2.29 -11.67
CA SER A 175 -17.56 3.46 -10.97
C SER A 175 -18.71 4.04 -11.80
N LYS A 176 -18.47 4.20 -13.10
CA LYS A 176 -19.47 4.75 -14.02
C LYS A 176 -20.70 3.88 -14.17
N GLN A 177 -20.51 2.56 -14.09
CA GLN A 177 -21.58 1.57 -14.24
C GLN A 177 -22.59 1.51 -13.07
N VAL A 178 -22.12 1.76 -11.85
CA VAL A 178 -23.00 1.71 -10.69
C VAL A 178 -23.33 3.10 -10.12
N ASN A 179 -22.73 4.13 -10.69
CA ASN A 179 -22.96 5.50 -10.24
C ASN A 179 -22.43 5.62 -8.82
N MET A 180 -21.16 5.25 -8.65
CA MET A 180 -20.54 5.32 -7.36
C MET A 180 -19.84 6.67 -7.19
N GLU A 181 -20.29 7.40 -6.18
CA GLU A 181 -19.79 8.73 -5.85
C GLU A 181 -18.39 8.68 -5.23
N LEU A 182 -17.37 8.92 -6.06
CA LEU A 182 -16.00 8.92 -5.60
C LEU A 182 -15.57 10.35 -5.38
N ALA A 183 -14.78 10.59 -4.34
CA ALA A 183 -14.30 11.93 -4.04
C ALA A 183 -12.79 11.90 -3.72
N LYS A 184 -11.98 12.63 -4.49
CA LYS A 184 -10.54 12.66 -4.22
C LYS A 184 -10.24 12.93 -2.75
N ILE A 185 -9.04 12.58 -2.32
CA ILE A 185 -8.66 12.78 -0.93
C ILE A 185 -7.69 13.95 -0.85
N LYS A 186 -8.08 14.99 -0.12
CA LYS A 186 -7.25 16.18 0.03
C LYS A 186 -5.99 15.82 0.81
N GLN A 187 -4.84 16.04 0.18
CA GLN A 187 -3.55 15.70 0.80
C GLN A 187 -3.27 16.24 2.19
N LYS A 188 -3.79 17.41 2.54
CA LYS A 188 -3.52 17.97 3.86
C LYS A 188 -3.87 17.02 4.99
N CYS A 189 -2.85 16.46 5.65
CA CYS A 189 -3.09 15.57 6.76
C CYS A 189 -2.31 16.05 7.96
N PRO A 190 -2.94 16.86 8.82
CA PRO A 190 -2.27 17.38 10.01
C PRO A 190 -2.01 16.31 11.10
N LEU A 191 -0.80 16.28 11.62
CA LEU A 191 -0.43 15.34 12.66
C LEU A 191 -0.50 16.01 14.02
N TYR A 192 -0.94 15.25 15.02
CA TYR A 192 -1.05 15.74 16.41
C TYR A 192 -0.36 14.76 17.34
N GLU A 193 0.49 15.27 18.22
CA GLU A 193 1.22 14.43 19.16
C GLU A 193 0.36 13.72 20.22
N ALA A 194 1.00 12.89 21.04
CA ALA A 194 0.28 12.15 22.07
C ALA A 194 -0.48 13.08 23.00
N ASN A 195 0.10 14.25 23.27
CA ASN A 195 -0.54 15.23 24.16
C ASN A 195 -1.67 16.00 23.48
N GLY A 196 -1.70 16.01 22.15
CA GLY A 196 -2.76 16.69 21.45
C GLY A 196 -2.42 17.88 20.58
N GLN A 197 -1.25 18.50 20.81
CA GLN A 197 -0.87 19.65 20.01
C GLN A 197 -0.37 19.25 18.64
N ALA A 198 -0.59 20.11 17.67
CA ALA A 198 -0.19 19.84 16.30
C ALA A 198 1.32 19.74 16.12
N VAL A 199 1.72 19.43 14.89
CA VAL A 199 3.12 19.32 14.55
C VAL A 199 3.42 20.41 13.55
N PRO A 200 4.23 21.41 13.95
CA PRO A 200 4.63 22.55 13.12
C PRO A 200 4.95 22.11 11.70
N LYS A 201 4.41 22.83 10.73
CA LYS A 201 4.64 22.53 9.32
C LYS A 201 6.08 22.07 9.10
N GLU A 202 7.03 22.81 9.65
CA GLU A 202 8.44 22.49 9.52
C GLU A 202 8.80 21.05 9.83
N LYS A 203 8.63 20.64 11.09
CA LYS A 203 8.98 19.27 11.45
C LYS A 203 8.28 18.24 10.59
N ASP A 204 6.97 18.36 10.43
CA ASP A 204 6.22 17.40 9.62
C ASP A 204 6.99 17.12 8.33
N GLU A 205 7.39 18.18 7.65
CA GLU A 205 8.11 18.04 6.41
C GLU A 205 9.52 17.48 6.64
N MET A 206 10.18 17.91 7.69
CA MET A 206 11.52 17.41 7.96
C MET A 206 11.50 15.90 8.20
N VAL A 207 10.80 15.49 9.25
CA VAL A 207 10.71 14.07 9.60
C VAL A 207 10.24 13.25 8.43
N GLU A 208 9.30 13.79 7.66
CA GLU A 208 8.76 13.08 6.48
C GLU A 208 9.86 12.96 5.45
N GLN A 209 10.64 14.02 5.27
CA GLN A 209 11.73 14.01 4.31
C GLN A 209 12.67 12.88 4.73
N GLU A 210 12.92 12.78 6.02
CA GLU A 210 13.77 11.73 6.54
C GLU A 210 13.16 10.36 6.30
N PHE A 211 11.84 10.26 6.44
CA PHE A 211 11.18 9.00 6.20
C PHE A 211 11.46 8.51 4.78
N ASN A 212 11.40 9.41 3.80
CA ASN A 212 11.64 8.98 2.44
C ASN A 212 13.10 8.60 2.26
N ARG A 213 13.99 9.39 2.82
CA ARG A 213 15.41 9.09 2.70
C ARG A 213 15.70 7.69 3.18
N LEU A 214 15.17 7.34 4.34
CA LEU A 214 15.40 6.02 4.89
C LEU A 214 14.92 4.93 3.93
N LEU A 215 13.68 5.05 3.46
CA LEU A 215 13.16 4.05 2.54
C LEU A 215 14.02 3.95 1.30
N GLU A 216 14.41 5.11 0.77
CA GLU A 216 15.25 5.15 -0.42
C GLU A 216 16.53 4.36 -0.12
N ALA A 217 17.10 4.60 1.05
CA ALA A 217 18.32 3.95 1.48
C ALA A 217 18.22 2.42 1.48
N THR A 218 17.10 1.92 1.99
CA THR A 218 16.88 0.48 2.04
C THR A 218 16.66 -0.08 0.64
N SER A 219 16.13 0.75 -0.25
CA SER A 219 15.87 0.34 -1.61
C SER A 219 17.20 0.19 -2.35
N TYR A 220 18.11 1.13 -2.10
CA TYR A 220 19.43 1.11 -2.70
C TYR A 220 20.12 -0.14 -2.17
N LEU A 221 20.15 -0.22 -0.85
CA LEU A 221 20.76 -1.35 -0.16
C LEU A 221 20.28 -2.68 -0.71
N SER A 222 19.04 -2.71 -1.14
CA SER A 222 18.44 -3.95 -1.66
C SER A 222 18.69 -4.20 -3.15
N HIS A 223 18.28 -3.26 -4.00
CA HIS A 223 18.42 -3.43 -5.45
C HIS A 223 19.65 -2.75 -6.03
N GLN A 224 20.78 -2.87 -5.37
CA GLN A 224 22.03 -2.25 -5.85
C GLN A 224 23.22 -2.94 -5.21
N LEU A 225 23.14 -3.10 -3.89
CA LEU A 225 24.20 -3.74 -3.15
C LEU A 225 23.74 -5.13 -2.74
N ASP A 226 22.56 -5.51 -3.23
CA ASP A 226 22.00 -6.83 -2.95
C ASP A 226 22.15 -7.33 -1.50
N PHE A 227 21.81 -6.49 -0.54
CA PHE A 227 21.88 -6.82 0.90
C PHE A 227 20.53 -7.44 1.20
N ASN A 228 20.20 -8.52 0.50
CA ASN A 228 18.90 -9.15 0.69
C ASN A 228 18.84 -10.39 1.55
N VAL A 229 19.97 -10.83 2.09
CA VAL A 229 19.96 -11.99 2.95
C VAL A 229 21.01 -11.85 4.04
N LEU A 230 20.64 -12.27 5.25
CA LEU A 230 21.53 -12.18 6.41
C LEU A 230 21.33 -13.39 7.30
N ASN A 231 22.44 -14.06 7.63
CA ASN A 231 22.38 -15.24 8.48
C ASN A 231 21.41 -16.24 7.88
N ASN A 232 21.43 -16.32 6.55
CA ASN A 232 20.58 -17.24 5.80
C ASN A 232 19.09 -16.93 5.86
N LYS A 233 18.72 -15.99 6.71
CA LYS A 233 17.33 -15.60 6.86
C LYS A 233 17.10 -14.38 5.95
N PRO A 234 15.89 -14.23 5.39
CA PRO A 234 15.62 -13.09 4.51
C PRO A 234 15.57 -11.79 5.31
N VAL A 235 16.00 -10.70 4.68
CA VAL A 235 15.99 -9.40 5.34
C VAL A 235 14.65 -8.74 5.16
N SER A 236 14.05 -8.36 6.27
CA SER A 236 12.77 -7.67 6.22
C SER A 236 13.04 -6.20 5.99
N LEU A 237 12.00 -5.47 5.62
CA LEU A 237 12.12 -4.04 5.37
C LEU A 237 12.43 -3.31 6.66
N GLY A 238 11.72 -3.68 7.73
CA GLY A 238 11.94 -3.04 9.02
C GLY A 238 13.33 -3.32 9.51
N GLN A 239 13.83 -4.49 9.17
CA GLN A 239 15.17 -4.90 9.55
C GLN A 239 16.10 -3.86 8.96
N ALA A 240 15.97 -3.65 7.65
CA ALA A 240 16.81 -2.67 6.95
C ALA A 240 16.68 -1.30 7.57
N LEU A 241 15.45 -0.82 7.69
CA LEU A 241 15.21 0.48 8.28
C LEU A 241 15.91 0.63 9.60
N GLU A 242 15.79 -0.37 10.48
CA GLU A 242 16.43 -0.24 11.77
C GLU A 242 17.94 -0.13 11.61
N VAL A 243 18.50 -0.88 10.66
CA VAL A 243 19.93 -0.86 10.38
C VAL A 243 20.31 0.49 9.79
N VAL A 244 19.50 0.97 8.86
CA VAL A 244 19.80 2.24 8.24
C VAL A 244 19.73 3.39 9.26
N ILE A 245 18.87 3.24 10.26
CA ILE A 245 18.74 4.27 11.30
C ILE A 245 19.97 4.17 12.19
N GLN A 246 20.42 2.95 12.42
CA GLN A 246 21.59 2.76 13.25
C GLN A 246 22.76 3.50 12.64
N LEU A 247 22.99 3.31 11.34
CA LEU A 247 24.09 3.98 10.66
C LEU A 247 23.99 5.50 10.80
N GLN A 248 22.79 6.04 10.58
CA GLN A 248 22.58 7.49 10.68
C GLN A 248 22.95 7.97 12.09
N GLU A 249 22.62 7.16 13.09
CA GLU A 249 22.93 7.50 14.47
C GLU A 249 24.44 7.55 14.68
N LYS A 250 25.15 6.64 14.01
CA LYS A 250 26.59 6.55 14.08
C LYS A 250 27.21 7.78 13.42
N HIS A 251 26.82 8.07 12.18
CA HIS A 251 27.36 9.23 11.48
C HIS A 251 27.24 10.51 12.31
N VAL A 252 26.16 10.63 13.07
CA VAL A 252 25.99 11.80 13.92
C VAL A 252 26.98 11.76 15.07
N LYS A 253 27.03 10.63 15.76
CA LYS A 253 27.97 10.50 16.87
C LYS A 253 29.37 10.81 16.35
N ASP A 254 29.70 10.31 15.17
CA ASP A 254 31.02 10.54 14.58
C ASP A 254 31.35 12.01 14.37
N GLU A 255 30.38 12.79 13.88
CA GLU A 255 30.64 14.21 13.64
C GLU A 255 30.65 15.01 14.93
N GLN A 256 30.11 14.41 15.98
CA GLN A 256 30.07 15.05 17.28
C GLN A 256 31.47 14.94 17.86
N ILE A 257 32.10 13.79 17.63
CA ILE A 257 33.46 13.53 18.10
C ILE A 257 34.44 14.51 17.46
N GLU A 258 34.56 14.44 16.13
CA GLU A 258 35.46 15.33 15.40
C GLU A 258 35.29 16.76 15.82
N HIS A 259 34.10 17.08 16.33
CA HIS A 259 33.85 18.45 16.77
C HIS A 259 34.40 18.61 18.18
N TRP A 260 34.15 17.63 19.05
CA TRP A 260 34.67 17.71 20.39
C TRP A 260 36.18 17.73 20.35
N LYS A 261 36.76 17.10 19.33
CA LYS A 261 38.21 17.08 19.19
C LYS A 261 38.68 18.44 18.74
N LYS A 262 37.98 19.04 17.78
CA LYS A 262 38.35 20.37 17.31
C LYS A 262 38.31 21.30 18.52
N ILE A 263 37.30 21.14 19.36
CA ILE A 263 37.16 21.97 20.55
C ILE A 263 38.37 21.75 21.45
N VAL A 264 38.46 20.56 22.04
CA VAL A 264 39.57 20.27 22.95
C VAL A 264 40.94 20.74 22.45
N LYS A 265 41.28 20.42 21.18
CA LYS A 265 42.56 20.82 20.58
C LYS A 265 42.75 22.32 20.68
N THR A 266 41.71 23.05 20.31
CA THR A 266 41.73 24.49 20.37
C THR A 266 41.86 25.00 21.81
N GLN A 267 41.44 24.20 22.79
CA GLN A 267 41.52 24.60 24.18
C GLN A 267 42.90 24.30 24.74
N GLU A 268 43.53 23.27 24.19
CA GLU A 268 44.87 22.91 24.61
C GLU A 268 45.80 23.99 24.09
N GLU A 269 45.66 24.32 22.80
CA GLU A 269 46.48 25.34 22.18
C GLU A 269 46.43 26.63 22.98
N LEU A 270 45.24 27.02 23.41
CA LEU A 270 45.08 28.23 24.22
C LEU A 270 45.80 28.13 25.56
N LYS A 271 45.51 27.06 26.30
CA LYS A 271 46.14 26.86 27.59
C LYS A 271 47.67 26.91 27.51
N GLU A 272 48.22 26.50 26.37
CA GLU A 272 49.67 26.49 26.17
C GLU A 272 50.15 27.89 25.83
N LEU A 273 49.41 28.54 24.94
CA LEU A 273 49.74 29.88 24.51
C LEU A 273 49.64 30.78 25.73
N LEU A 274 48.59 30.57 26.52
CA LEU A 274 48.38 31.34 27.72
C LEU A 274 49.59 31.26 28.63
N ASN A 275 50.21 30.10 28.68
CA ASN A 275 51.36 29.89 29.54
C ASN A 275 52.59 30.68 29.13
N LYS A 276 53.13 30.41 27.94
CA LYS A 276 54.33 31.14 27.53
C LYS A 276 54.09 32.65 27.66
N MET A 277 52.84 33.07 27.51
CA MET A 277 52.52 34.47 27.65
C MET A 277 52.79 34.93 29.07
N VAL A 278 52.42 34.08 30.03
CA VAL A 278 52.63 34.37 31.44
C VAL A 278 54.11 34.37 31.79
N ASN A 279 54.92 33.78 30.91
CA ASN A 279 56.35 33.74 31.13
C ASN A 279 56.98 34.98 30.51
N LEU A 280 56.35 35.49 29.45
CA LEU A 280 56.83 36.67 28.78
C LEU A 280 56.45 37.88 29.64
N LYS A 281 55.41 37.73 30.48
CA LYS A 281 55.02 38.83 31.37
C LYS A 281 56.15 38.86 32.38
N GLU A 282 56.47 37.67 32.86
CA GLU A 282 57.54 37.48 33.82
C GLU A 282 58.84 38.00 33.23
N LYS A 283 59.08 37.71 31.96
CA LYS A 283 60.29 38.17 31.30
C LYS A 283 60.31 39.69 31.21
N ILE A 284 59.16 40.28 30.89
CA ILE A 284 59.06 41.73 30.77
C ILE A 284 59.27 42.42 32.12
N LYS A 285 59.04 41.70 33.21
CA LYS A 285 59.23 42.28 34.53
C LYS A 285 60.71 42.37 34.88
N GLU A 286 61.50 41.46 34.34
CA GLU A 286 62.93 41.47 34.60
C GLU A 286 63.55 42.70 33.93
N LEU A 287 62.72 43.47 33.24
CA LEU A 287 63.20 44.66 32.55
C LEU A 287 62.56 45.97 33.06
N HIS A 288 61.26 45.97 33.34
CA HIS A 288 60.63 47.17 33.87
C HIS A 288 61.07 47.20 35.32
N GLN A 289 62.34 46.87 35.50
CA GLN A 289 63.04 46.79 36.77
C GLN A 289 64.45 46.53 36.27
N GLN A 290 65.47 46.80 37.07
CA GLN A 290 66.85 46.60 36.65
C GLN A 290 67.21 47.75 35.72
N TYR A 291 66.44 47.86 34.63
CA TYR A 291 66.64 48.92 33.65
C TYR A 291 66.44 50.29 34.27
N LYS A 292 67.55 50.98 34.55
CA LYS A 292 67.54 52.31 35.14
C LYS A 292 68.86 52.53 35.89
N GLU A 293 69.97 52.07 35.30
CA GLU A 293 71.29 52.20 35.93
C GLU A 293 72.45 52.23 34.93
N ILE A 303 76.43 56.07 33.71
CA ILE A 303 76.78 57.30 32.94
C ILE A 303 76.90 57.02 31.44
N THR A 304 77.04 55.74 31.09
CA THR A 304 77.13 55.31 29.68
C THR A 304 75.68 55.10 29.24
N ALA A 305 74.77 55.37 30.18
CA ALA A 305 73.33 55.21 29.97
C ALA A 305 72.80 55.82 28.68
N GLU A 306 73.50 56.81 28.13
CA GLU A 306 73.02 57.41 26.87
C GLU A 306 73.04 56.35 25.76
N PHE A 307 73.51 55.16 26.11
CA PHE A 307 73.58 54.03 25.18
C PHE A 307 73.04 52.76 25.86
N LEU A 308 73.01 52.77 27.18
CA LEU A 308 72.49 51.63 27.94
C LEU A 308 70.97 51.71 27.92
N VAL A 309 70.46 52.93 28.08
CA VAL A 309 69.03 53.15 28.05
C VAL A 309 68.56 52.81 26.65
N LYS A 310 69.35 53.22 25.65
CA LYS A 310 69.06 52.96 24.24
C LYS A 310 69.04 51.45 23.94
N SER A 311 69.97 50.71 24.55
CA SER A 311 70.07 49.26 24.35
C SER A 311 69.02 48.50 25.15
N LYS A 312 68.65 49.05 26.29
CA LYS A 312 67.65 48.41 27.13
C LYS A 312 66.25 48.71 26.62
N HIS A 313 66.08 49.88 26.02
CA HIS A 313 64.77 50.21 25.48
C HIS A 313 64.47 49.27 24.32
N ARG A 314 65.19 49.42 23.21
CA ARG A 314 64.97 48.58 22.04
C ARG A 314 64.95 47.09 22.39
N ASP A 315 65.31 46.77 23.62
CA ASP A 315 65.29 45.39 24.09
C ASP A 315 63.91 45.15 24.68
N LEU A 316 63.62 45.86 25.75
CA LEU A 316 62.34 45.75 26.43
C LEU A 316 61.17 45.88 25.46
N THR A 317 61.25 46.79 24.49
CA THR A 317 60.16 46.96 23.53
C THR A 317 60.05 45.71 22.67
N ALA A 318 61.18 45.26 22.13
CA ALA A 318 61.23 44.07 21.28
C ALA A 318 60.45 42.90 21.89
N LEU A 319 60.32 42.88 23.21
CA LEU A 319 59.60 41.81 23.91
C LEU A 319 58.14 42.21 24.14
N CYS A 320 57.62 43.04 23.27
CA CYS A 320 56.24 43.49 23.33
C CYS A 320 55.79 43.33 21.89
N LYS A 321 56.75 43.50 20.98
CA LYS A 321 56.55 43.31 19.54
C LYS A 321 56.55 41.77 19.45
N GLU A 322 56.54 41.16 20.64
CA GLU A 322 56.52 39.72 20.84
C GLU A 322 55.24 39.37 21.57
N TYR A 323 55.06 39.97 22.74
CA TYR A 323 53.91 39.74 23.59
C TYR A 323 52.57 40.14 23.00
N ASP A 324 52.32 41.45 22.88
CA ASP A 324 51.04 41.90 22.33
C ASP A 324 50.84 41.35 20.92
N GLU A 325 51.86 40.69 20.41
CA GLU A 325 51.81 40.09 19.10
C GLU A 325 51.06 38.77 19.25
N LEU A 326 51.29 38.11 20.38
CA LEU A 326 50.65 36.83 20.70
C LEU A 326 49.20 37.06 21.08
N ALA A 327 48.93 38.17 21.76
CA ALA A 327 47.55 38.48 22.16
C ALA A 327 46.72 38.47 20.88
N GLU A 328 47.39 38.73 19.76
CA GLU A 328 46.78 38.74 18.44
C GLU A 328 46.53 37.30 18.02
N THR A 329 47.60 36.54 17.85
CA THR A 329 47.48 35.13 17.47
C THR A 329 46.88 34.35 18.65
N GLN A 330 46.21 35.08 19.54
CA GLN A 330 45.53 34.50 20.69
C GLN A 330 44.05 34.76 20.46
N GLY A 331 43.72 36.00 20.09
CA GLY A 331 42.34 36.35 19.83
C GLY A 331 41.84 35.53 18.65
N LYS A 332 42.77 35.15 17.78
CA LYS A 332 42.50 34.33 16.59
C LYS A 332 42.31 32.88 16.98
N LEU A 333 42.16 32.64 18.28
CA LEU A 333 41.92 31.30 18.81
C LEU A 333 40.62 31.32 19.59
N GLU A 334 40.40 32.39 20.35
CA GLU A 334 39.15 32.51 21.11
C GLU A 334 38.04 32.75 20.08
N GLU A 335 38.42 33.36 18.96
CA GLU A 335 37.51 33.64 17.87
C GLU A 335 37.17 32.30 17.22
N LYS A 336 38.18 31.46 17.06
CA LYS A 336 37.99 30.13 16.47
C LYS A 336 37.28 29.24 17.47
N LEU A 337 37.50 29.50 18.75
CA LEU A 337 36.90 28.71 19.81
C LEU A 337 35.41 29.04 19.95
N GLN A 338 35.14 30.22 20.50
CA GLN A 338 33.77 30.68 20.72
C GLN A 338 32.87 30.35 19.52
N GLU A 339 33.44 30.38 18.32
CA GLU A 339 32.72 30.11 17.09
C GLU A 339 32.25 28.65 16.97
N LEU A 340 33.11 27.71 17.37
CA LEU A 340 32.79 26.28 17.31
C LEU A 340 31.79 25.89 18.38
N GLU A 341 32.01 26.36 19.61
CA GLU A 341 31.13 26.06 20.73
C GLU A 341 29.76 26.67 20.50
N ALA A 342 29.64 27.44 19.42
CA ALA A 342 28.39 28.10 19.05
C ALA A 342 27.69 27.36 17.91
N ASN A 343 28.47 26.79 17.01
CA ASN A 343 27.93 26.04 15.87
C ASN A 343 28.21 24.53 15.99
N PRO A 344 27.65 23.90 17.04
CA PRO A 344 27.84 22.45 17.25
C PRO A 344 26.95 21.67 16.30
N PRO A 345 27.36 20.45 15.93
CA PRO A 345 26.52 19.66 15.02
C PRO A 345 25.34 19.03 15.77
N SER A 346 24.51 18.30 15.02
CA SER A 346 23.33 17.66 15.59
C SER A 346 23.70 16.81 16.80
N ASP A 347 23.00 17.05 17.91
CA ASP A 347 23.26 16.32 19.13
C ASP A 347 22.86 14.85 18.99
N VAL A 348 21.81 14.61 18.21
CA VAL A 348 21.27 13.28 17.96
C VAL A 348 20.69 13.21 16.55
N TYR A 349 20.52 12.00 16.03
CA TYR A 349 19.95 11.81 14.69
C TYR A 349 18.52 12.31 14.68
N LEU A 350 17.72 11.81 15.62
CA LEU A 350 16.34 12.23 15.74
C LEU A 350 16.02 12.31 17.21
N SER A 351 15.33 13.36 17.62
CA SER A 351 14.99 13.50 19.05
C SER A 351 14.04 12.40 19.46
N SER A 352 13.62 12.41 20.71
CA SER A 352 12.69 11.40 21.21
C SER A 352 11.35 11.63 20.51
N ARG A 353 10.95 12.90 20.45
CA ARG A 353 9.70 13.28 19.81
C ARG A 353 9.84 13.17 18.30
N ASP A 354 11.04 13.42 17.78
CA ASP A 354 11.25 13.31 16.35
C ASP A 354 10.99 11.88 15.89
N ARG A 355 11.49 10.93 16.67
CA ARG A 355 11.32 9.50 16.38
C ARG A 355 9.86 9.07 16.43
N GLN A 356 9.09 9.65 17.34
CA GLN A 356 7.68 9.29 17.47
C GLN A 356 6.94 9.65 16.18
N ILE A 357 7.28 10.79 15.60
CA ILE A 357 6.66 11.25 14.36
C ILE A 357 7.06 10.33 13.22
N LEU A 358 8.34 9.98 13.17
CA LEU A 358 8.81 9.06 12.12
C LEU A 358 8.01 7.76 12.22
N ASP A 359 7.79 7.29 13.45
CA ASP A 359 7.01 6.07 13.68
C ASP A 359 5.61 6.19 13.11
N TRP A 360 5.08 7.40 13.07
CA TRP A 360 3.76 7.60 12.50
C TRP A 360 3.86 7.27 11.01
N HIS A 361 4.88 7.83 10.34
CA HIS A 361 5.07 7.55 8.93
C HIS A 361 5.22 6.07 8.67
N PHE A 362 5.92 5.38 9.56
CA PHE A 362 6.13 3.92 9.46
C PHE A 362 4.80 3.18 9.60
N ALA A 363 4.06 3.55 10.66
CA ALA A 363 2.75 2.95 10.94
C ALA A 363 1.85 3.18 9.74
N ASN A 364 1.95 4.39 9.17
CA ASN A 364 1.17 4.76 8.01
C ASN A 364 1.52 3.77 6.90
N LEU A 365 2.77 3.30 6.91
CA LEU A 365 3.20 2.33 5.92
C LEU A 365 2.66 0.95 6.30
N GLU A 366 2.71 0.63 7.59
CA GLU A 366 2.23 -0.65 8.10
C GLU A 366 0.73 -0.77 7.85
N PHE A 367 0.16 0.31 7.34
CA PHE A 367 -1.26 0.36 7.02
C PHE A 367 -1.34 -0.05 5.56
N ALA A 368 -0.63 0.70 4.72
CA ALA A 368 -0.64 0.43 3.29
C ALA A 368 -0.26 -1.00 2.98
N ASN A 369 0.54 -1.61 3.83
CA ASN A 369 0.96 -2.98 3.60
C ASN A 369 0.19 -3.93 4.47
N ALA A 370 -0.59 -3.36 5.38
CA ALA A 370 -1.43 -4.13 6.29
C ALA A 370 -0.68 -5.16 7.12
N THR A 371 0.53 -4.81 7.55
CA THR A 371 1.33 -5.73 8.34
C THR A 371 2.48 -4.97 8.99
N PRO A 372 3.13 -5.58 9.99
CA PRO A 372 4.25 -4.88 10.64
C PRO A 372 5.42 -4.86 9.66
N LEU A 373 6.07 -3.71 9.52
CA LEU A 373 7.20 -3.57 8.60
C LEU A 373 8.24 -4.69 8.66
N SER A 374 8.45 -5.24 9.85
CA SER A 374 9.42 -6.30 10.07
C SER A 374 9.08 -7.66 9.41
N THR A 375 7.86 -7.81 8.92
CA THR A 375 7.44 -9.05 8.30
C THR A 375 7.48 -8.92 6.78
N LEU A 376 7.62 -7.69 6.32
CA LEU A 376 7.68 -7.41 4.90
C LEU A 376 9.03 -7.80 4.29
N SER A 377 8.99 -8.23 3.03
CA SER A 377 10.21 -8.60 2.32
C SER A 377 10.92 -7.28 2.03
N LEU A 378 12.20 -7.20 2.36
CA LEU A 378 12.94 -5.99 2.05
C LEU A 378 12.95 -5.85 0.55
N LYS A 379 13.28 -6.94 -0.13
CA LYS A 379 13.36 -6.94 -1.58
C LYS A 379 12.07 -6.83 -2.39
N HIS A 380 11.02 -7.56 -2.01
CA HIS A 380 9.78 -7.51 -2.80
C HIS A 380 8.53 -6.83 -2.25
N TRP A 381 8.57 -6.30 -1.02
CA TRP A 381 7.37 -5.68 -0.45
C TRP A 381 6.64 -4.72 -1.40
N ASP A 382 7.38 -4.13 -2.34
CA ASP A 382 6.78 -3.23 -3.32
C ASP A 382 6.98 -3.74 -4.74
N GLN A 383 7.04 -5.05 -4.85
CA GLN A 383 7.22 -5.75 -6.12
C GLN A 383 6.34 -5.28 -7.26
N ASP A 384 5.18 -4.73 -6.94
CA ASP A 384 4.24 -4.28 -7.97
C ASP A 384 4.20 -2.77 -8.23
N ASP A 385 5.03 -2.01 -7.52
CA ASP A 385 5.08 -0.55 -7.66
C ASP A 385 4.97 -0.15 -9.12
N ASP A 386 5.70 -0.85 -9.98
CA ASP A 386 5.71 -0.55 -11.39
C ASP A 386 4.33 -0.55 -12.04
N PHE A 387 3.32 -1.00 -11.31
CA PHE A 387 1.97 -1.08 -11.89
C PHE A 387 0.91 -0.13 -11.39
N GLU A 388 1.28 0.86 -10.58
CA GLU A 388 0.32 1.84 -10.06
C GLU A 388 -0.45 2.57 -11.15
N PHE A 389 -1.68 2.96 -10.86
CA PHE A 389 -2.48 3.70 -11.82
C PHE A 389 -2.16 5.19 -11.68
N THR A 390 -2.34 5.96 -12.75
CA THR A 390 -2.05 7.38 -12.65
C THR A 390 -3.30 8.14 -12.22
N GLY A 391 -3.14 9.04 -11.26
CA GLY A 391 -4.29 9.81 -10.78
C GLY A 391 -4.34 9.92 -9.26
N SER A 392 -5.16 10.85 -8.77
CA SER A 392 -5.31 11.06 -7.33
C SER A 392 -6.16 9.94 -6.79
N HIS A 393 -5.88 9.54 -5.55
CA HIS A 393 -6.65 8.49 -4.91
C HIS A 393 -7.98 9.14 -4.49
N LEU A 394 -9.06 8.39 -4.60
CA LEU A 394 -10.36 8.90 -4.22
C LEU A 394 -10.96 7.97 -3.17
N THR A 395 -12.04 8.43 -2.55
CA THR A 395 -12.71 7.66 -1.52
C THR A 395 -14.16 7.46 -1.96
N VAL A 396 -14.77 6.34 -1.59
CA VAL A 396 -16.16 6.06 -1.97
C VAL A 396 -17.17 6.71 -1.02
N ARG A 397 -17.52 7.95 -1.34
CA ARG A 397 -18.43 8.78 -0.57
C ARG A 397 -19.78 8.14 -0.20
N ASN A 398 -20.27 7.25 -1.05
CA ASN A 398 -21.55 6.62 -0.77
C ASN A 398 -21.43 5.16 -0.39
N GLY A 399 -20.22 4.74 -0.01
CA GLY A 399 -20.01 3.37 0.41
C GLY A 399 -19.64 2.40 -0.69
N TYR A 400 -18.39 1.96 -0.64
CA TYR A 400 -17.86 1.04 -1.64
C TYR A 400 -18.74 -0.22 -1.87
N SER A 401 -19.73 -0.45 -1.02
CA SER A 401 -20.58 -1.63 -1.20
C SER A 401 -21.47 -1.52 -2.42
N CYS A 402 -21.69 -0.32 -2.92
CA CYS A 402 -22.56 -0.18 -4.09
C CYS A 402 -22.09 -1.04 -5.27
N VAL A 403 -20.79 -1.29 -5.31
CA VAL A 403 -20.18 -2.10 -6.35
C VAL A 403 -20.63 -3.57 -6.29
N PRO A 404 -20.16 -4.32 -5.28
CA PRO A 404 -20.57 -5.73 -5.22
C PRO A 404 -22.09 -5.92 -5.29
N VAL A 405 -22.84 -5.10 -4.57
CA VAL A 405 -24.29 -5.21 -4.62
C VAL A 405 -24.74 -5.22 -6.08
N ALA A 406 -24.42 -4.17 -6.79
CA ALA A 406 -24.79 -4.07 -8.21
C ALA A 406 -24.28 -5.25 -9.04
N LEU A 407 -23.10 -5.74 -8.71
CA LEU A 407 -22.51 -6.86 -9.43
C LEU A 407 -23.24 -8.20 -9.16
N ALA A 408 -23.96 -8.27 -8.06
CA ALA A 408 -24.66 -9.50 -7.69
C ALA A 408 -26.02 -9.67 -8.37
N GLU A 409 -26.55 -8.56 -8.89
CA GLU A 409 -27.83 -8.54 -9.60
C GLU A 409 -27.96 -9.62 -10.69
N GLY A 410 -28.94 -10.50 -10.53
CA GLY A 410 -29.17 -11.54 -11.52
C GLY A 410 -28.34 -12.79 -11.38
N LEU A 411 -27.45 -12.82 -10.39
CA LEU A 411 -26.62 -13.99 -10.17
C LEU A 411 -27.29 -14.91 -9.19
N ASP A 412 -26.93 -16.18 -9.26
CA ASP A 412 -27.48 -17.16 -8.34
C ASP A 412 -26.52 -17.29 -7.14
N ILE A 413 -26.83 -16.53 -6.09
CA ILE A 413 -26.00 -16.52 -4.88
C ILE A 413 -26.67 -17.15 -3.68
N LYS A 414 -26.03 -18.15 -3.11
CA LYS A 414 -26.60 -18.83 -1.98
C LYS A 414 -25.95 -18.43 -0.66
N LEU A 415 -26.33 -17.25 -0.16
CA LEU A 415 -25.82 -16.73 1.10
C LEU A 415 -26.00 -17.75 2.23
N ASN A 416 -25.29 -17.52 3.34
CA ASN A 416 -25.37 -18.38 4.51
C ASN A 416 -25.08 -19.82 4.12
N THR A 417 -24.06 -19.98 3.29
CA THR A 417 -23.66 -21.30 2.81
C THR A 417 -22.14 -21.47 2.85
N ALA A 418 -21.65 -21.92 3.99
CA ALA A 418 -20.23 -22.13 4.19
C ALA A 418 -19.74 -23.44 3.58
N VAL A 419 -18.84 -23.34 2.61
CA VAL A 419 -18.29 -24.52 1.98
C VAL A 419 -17.27 -25.18 2.92
N ARG A 420 -17.38 -26.51 3.07
CA ARG A 420 -16.47 -27.22 3.95
C ARG A 420 -15.57 -28.24 3.24
N GLN A 421 -15.88 -28.58 2.00
CA GLN A 421 -15.06 -29.54 1.28
C GLN A 421 -15.22 -29.43 -0.24
N VAL A 422 -14.09 -29.48 -0.93
CA VAL A 422 -14.08 -29.39 -2.37
C VAL A 422 -13.43 -30.62 -2.97
N ARG A 423 -14.23 -31.44 -3.63
CA ARG A 423 -13.73 -32.65 -4.27
C ARG A 423 -13.58 -32.38 -5.75
N TYR A 424 -12.48 -32.84 -6.34
CA TYR A 424 -12.24 -32.66 -7.76
C TYR A 424 -11.55 -33.88 -8.35
N THR A 425 -12.21 -34.53 -9.30
CA THR A 425 -11.69 -35.73 -9.95
C THR A 425 -11.50 -35.48 -11.43
N ALA A 426 -10.76 -36.38 -12.07
CA ALA A 426 -10.49 -36.26 -13.50
C ALA A 426 -11.76 -36.18 -14.34
N SER A 427 -12.92 -36.35 -13.69
CA SER A 427 -14.18 -36.31 -14.41
C SER A 427 -15.28 -35.43 -13.80
N GLY A 428 -14.90 -34.46 -12.97
CA GLY A 428 -15.91 -33.60 -12.39
C GLY A 428 -15.58 -33.12 -10.98
N CYS A 429 -16.42 -32.23 -10.44
CA CYS A 429 -16.21 -31.69 -9.10
C CYS A 429 -17.44 -31.70 -8.21
N GLU A 430 -17.20 -31.76 -6.91
CA GLU A 430 -18.27 -31.75 -5.91
C GLU A 430 -17.92 -30.77 -4.78
N VAL A 431 -18.83 -29.85 -4.50
CA VAL A 431 -18.58 -28.86 -3.44
C VAL A 431 -19.56 -29.08 -2.29
N ILE A 432 -19.04 -29.50 -1.14
CA ILE A 432 -19.90 -29.72 0.02
C ILE A 432 -19.90 -28.49 0.93
N ALA A 433 -21.09 -27.93 1.18
CA ALA A 433 -21.24 -26.76 2.04
C ALA A 433 -22.20 -27.11 3.13
N VAL A 434 -22.53 -26.13 3.96
CA VAL A 434 -23.47 -26.32 5.06
C VAL A 434 -24.18 -25.01 5.37
N ASN A 435 -25.37 -25.09 5.94
CA ASN A 435 -26.09 -23.88 6.27
C ASN A 435 -25.42 -23.25 7.48
N THR A 436 -25.14 -21.95 7.42
CA THR A 436 -24.50 -21.29 8.54
C THR A 436 -25.53 -21.03 9.64
N ARG A 437 -26.79 -21.33 9.37
CA ARG A 437 -27.87 -21.13 10.34
C ARG A 437 -28.39 -22.43 10.95
N SER A 438 -28.01 -23.56 10.34
CA SER A 438 -28.41 -24.89 10.80
C SER A 438 -27.38 -25.90 10.30
N THR A 439 -26.18 -25.83 10.86
CA THR A 439 -25.06 -26.70 10.51
C THR A 439 -25.41 -28.17 10.37
N SER A 440 -26.66 -28.50 10.67
CA SER A 440 -27.15 -29.87 10.58
C SER A 440 -27.29 -30.24 9.11
N GLN A 441 -28.02 -29.42 8.35
CA GLN A 441 -28.23 -29.65 6.92
C GLN A 441 -27.01 -29.26 6.09
N THR A 442 -26.75 -30.04 5.05
CA THR A 442 -25.63 -29.78 4.17
C THR A 442 -26.12 -29.75 2.71
N PHE A 443 -25.21 -29.42 1.80
CA PHE A 443 -25.55 -29.34 0.39
C PHE A 443 -24.41 -29.94 -0.41
N ILE A 444 -24.73 -30.63 -1.50
CA ILE A 444 -23.69 -31.23 -2.33
C ILE A 444 -23.87 -30.77 -3.75
N TYR A 445 -23.24 -29.65 -4.09
CA TYR A 445 -23.37 -29.13 -5.45
C TYR A 445 -22.38 -29.78 -6.40
N LYS A 446 -22.88 -30.29 -7.52
CA LYS A 446 -22.03 -30.91 -8.52
C LYS A 446 -21.76 -29.88 -9.62
N CYS A 447 -20.57 -29.95 -10.19
CA CYS A 447 -20.18 -28.99 -11.20
C CYS A 447 -18.98 -29.52 -11.95
N ASP A 448 -18.72 -28.94 -13.11
CA ASP A 448 -17.61 -29.35 -13.95
C ASP A 448 -16.32 -28.68 -13.48
N ALA A 449 -16.46 -27.55 -12.80
CA ALA A 449 -15.32 -26.80 -12.29
C ALA A 449 -15.62 -25.97 -11.03
N VAL A 450 -14.60 -25.82 -10.19
CA VAL A 450 -14.74 -25.02 -8.99
C VAL A 450 -13.80 -23.82 -9.10
N LEU A 451 -14.32 -22.64 -8.75
CA LEU A 451 -13.52 -21.44 -8.77
C LEU A 451 -13.45 -21.00 -7.33
N CYS A 452 -12.27 -21.16 -6.74
CA CYS A 452 -12.04 -20.80 -5.34
C CYS A 452 -11.54 -19.38 -5.16
N THR A 453 -12.37 -18.52 -4.58
CA THR A 453 -11.95 -17.16 -4.34
C THR A 453 -11.85 -16.94 -2.82
N LEU A 454 -11.55 -18.03 -2.12
CA LEU A 454 -11.38 -17.95 -0.67
C LEU A 454 -10.15 -17.07 -0.38
N PRO A 455 -10.22 -16.25 0.68
CA PRO A 455 -9.09 -15.38 1.05
C PRO A 455 -7.89 -16.22 1.43
N LEU A 456 -6.68 -15.69 1.24
CA LEU A 456 -5.52 -16.46 1.64
C LEU A 456 -5.62 -16.79 3.11
N GLY A 457 -6.21 -15.87 3.88
CA GLY A 457 -6.36 -16.06 5.31
C GLY A 457 -7.11 -17.33 5.64
N VAL A 458 -8.12 -17.65 4.86
CA VAL A 458 -8.84 -18.87 5.15
C VAL A 458 -8.00 -20.03 4.68
N LEU A 459 -7.43 -19.90 3.49
CA LEU A 459 -6.59 -20.97 2.96
C LEU A 459 -5.47 -21.33 3.92
N LYS A 460 -4.99 -20.37 4.71
CA LYS A 460 -3.90 -20.66 5.64
C LYS A 460 -4.37 -21.28 6.94
N GLN A 461 -5.66 -21.18 7.22
CA GLN A 461 -6.23 -21.68 8.46
C GLN A 461 -5.83 -23.10 8.84
N GLN A 462 -5.56 -23.28 10.13
CA GLN A 462 -5.13 -24.56 10.72
C GLN A 462 -5.78 -24.76 12.08
N PRO A 463 -6.65 -25.78 12.22
CA PRO A 463 -7.05 -26.73 11.19
C PRO A 463 -7.81 -26.07 10.05
N PRO A 464 -7.69 -26.60 8.83
CA PRO A 464 -8.33 -26.10 7.61
C PRO A 464 -9.83 -25.80 7.69
N ALA A 465 -10.23 -24.61 7.24
CA ALA A 465 -11.62 -24.20 7.24
C ALA A 465 -12.42 -25.05 6.24
N VAL A 466 -11.81 -25.30 5.08
CA VAL A 466 -12.43 -26.13 4.07
C VAL A 466 -11.41 -27.18 3.64
N GLN A 467 -11.88 -28.39 3.39
CA GLN A 467 -11.00 -29.48 3.00
C GLN A 467 -11.00 -29.70 1.49
N PHE A 468 -9.83 -30.05 0.97
CA PHE A 468 -9.66 -30.32 -0.44
C PHE A 468 -9.37 -31.81 -0.65
N VAL A 469 -10.05 -32.41 -1.60
CA VAL A 469 -9.86 -33.83 -1.88
C VAL A 469 -9.74 -34.05 -3.38
N PRO A 470 -8.54 -34.46 -3.86
CA PRO A 470 -7.33 -34.75 -3.09
C PRO A 470 -6.80 -33.48 -2.44
N PRO A 471 -5.81 -33.61 -1.55
CA PRO A 471 -5.24 -32.43 -0.89
C PRO A 471 -4.58 -31.56 -1.95
N LEU A 472 -4.34 -30.29 -1.65
CA LEU A 472 -3.71 -29.41 -2.63
C LEU A 472 -2.26 -29.82 -2.79
N PRO A 473 -1.70 -29.63 -3.99
CA PRO A 473 -0.32 -29.98 -4.29
C PRO A 473 0.63 -29.39 -3.25
N GLU A 474 1.84 -29.91 -3.18
CA GLU A 474 2.83 -29.42 -2.24
C GLU A 474 3.20 -28.00 -2.66
N TRP A 475 3.38 -27.80 -3.96
CA TRP A 475 3.75 -26.51 -4.50
C TRP A 475 2.73 -25.41 -4.26
N LYS A 476 1.47 -25.78 -4.02
CA LYS A 476 0.42 -24.78 -3.77
C LYS A 476 0.38 -24.46 -2.27
N THR A 477 0.26 -25.48 -1.45
CA THR A 477 0.23 -25.30 0.00
C THR A 477 1.47 -24.55 0.46
N SER A 478 2.62 -24.91 -0.11
CA SER A 478 3.88 -24.25 0.25
C SER A 478 3.83 -22.73 -0.03
N ALA A 479 3.25 -22.34 -1.16
CA ALA A 479 3.14 -20.93 -1.48
C ALA A 479 2.16 -20.28 -0.50
N VAL A 480 1.05 -20.95 -0.25
CA VAL A 480 0.09 -20.43 0.70
C VAL A 480 0.84 -20.14 2.00
N GLN A 481 1.55 -21.14 2.50
CA GLN A 481 2.30 -20.98 3.74
C GLN A 481 3.37 -19.90 3.64
N ARG A 482 3.91 -19.70 2.44
CA ARG A 482 4.95 -18.68 2.28
C ARG A 482 4.42 -17.26 2.33
N MET A 483 3.39 -17.01 1.51
CA MET A 483 2.77 -15.68 1.40
C MET A 483 2.31 -15.07 2.71
N GLY A 484 2.27 -13.75 2.74
CA GLY A 484 1.83 -13.06 3.93
C GLY A 484 0.39 -12.60 3.78
N PHE A 485 -0.33 -12.61 4.89
CA PHE A 485 -1.71 -12.15 4.86
C PHE A 485 -1.81 -11.21 6.04
N GLY A 486 -2.09 -9.95 5.77
CA GLY A 486 -2.14 -8.97 6.84
C GLY A 486 -3.42 -8.78 7.61
N ASN A 487 -3.45 -7.67 8.32
CA ASN A 487 -4.58 -7.31 9.13
C ASN A 487 -4.58 -5.80 9.37
N LEU A 488 -5.77 -5.23 9.30
CA LEU A 488 -5.97 -3.81 9.51
C LEU A 488 -7.38 -3.68 10.06
N ASN A 489 -7.62 -2.71 10.93
CA ASN A 489 -8.97 -2.56 11.48
C ASN A 489 -9.43 -1.13 11.55
N LYS A 490 -10.74 -0.96 11.60
CA LYS A 490 -11.32 0.36 11.65
C LYS A 490 -12.31 0.49 12.79
N VAL A 491 -12.43 1.71 13.31
CA VAL A 491 -13.37 2.03 14.37
C VAL A 491 -14.21 3.17 13.81
N VAL A 492 -15.49 2.89 13.59
CA VAL A 492 -16.42 3.87 13.03
C VAL A 492 -17.13 4.68 14.10
N LEU A 493 -16.92 5.98 14.11
CA LEU A 493 -17.55 6.81 15.11
C LEU A 493 -18.67 7.68 14.53
N CYS A 494 -19.92 7.31 14.84
CA CYS A 494 -21.08 8.05 14.36
C CYS A 494 -21.57 9.04 15.40
N PHE A 495 -21.41 10.33 15.08
CA PHE A 495 -21.81 11.45 15.95
C PHE A 495 -23.05 12.17 15.37
N ASP A 496 -23.61 13.09 16.14
CA ASP A 496 -24.75 13.85 15.65
C ASP A 496 -24.33 15.29 15.31
N ARG A 497 -23.03 15.55 15.42
CA ARG A 497 -22.44 16.86 15.14
C ARG A 497 -21.05 16.68 14.52
N VAL A 498 -20.54 17.71 13.87
CA VAL A 498 -19.21 17.64 13.27
C VAL A 498 -18.28 18.63 13.96
N PHE A 499 -17.53 18.13 14.93
CA PHE A 499 -16.61 18.97 15.67
C PHE A 499 -15.21 19.02 15.05
N TRP A 500 -15.07 18.37 13.89
CA TRP A 500 -13.80 18.34 13.21
C TRP A 500 -13.83 19.27 12.01
N ASP A 501 -12.68 19.45 11.37
CA ASP A 501 -12.58 20.33 10.21
C ASP A 501 -13.11 19.63 8.97
N PRO A 502 -14.28 20.08 8.48
CA PRO A 502 -14.90 19.49 7.30
C PRO A 502 -14.08 19.57 6.02
N SER A 503 -13.12 20.48 5.95
CA SER A 503 -12.31 20.60 4.75
C SER A 503 -11.15 19.64 4.82
N VAL A 504 -10.92 19.07 6.00
CA VAL A 504 -9.83 18.13 6.15
C VAL A 504 -10.33 16.71 5.99
N ASN A 505 -9.75 16.00 5.04
CA ASN A 505 -10.14 14.63 4.76
C ASN A 505 -9.58 13.67 5.80
N LEU A 506 -8.33 13.85 6.16
CA LEU A 506 -7.71 12.99 7.16
C LEU A 506 -6.76 13.73 8.07
N PHE A 507 -6.52 13.16 9.25
CA PHE A 507 -5.63 13.75 10.22
C PHE A 507 -5.04 12.66 11.11
N GLY A 508 -3.75 12.82 11.42
CA GLY A 508 -3.04 11.84 12.22
C GLY A 508 -2.86 12.04 13.70
N HIS A 509 -2.61 10.92 14.37
CA HIS A 509 -2.39 10.89 15.80
C HIS A 509 -1.11 10.11 15.98
N VAL A 510 -0.11 10.75 16.58
CA VAL A 510 1.17 10.11 16.81
C VAL A 510 1.20 9.36 18.13
N GLY A 511 1.60 8.11 18.09
CA GLY A 511 1.65 7.30 19.28
C GLY A 511 2.81 7.69 20.19
N SER A 512 2.88 7.09 21.36
CA SER A 512 3.94 7.39 22.29
C SER A 512 5.13 6.45 22.14
N THR A 513 4.85 5.22 21.74
CA THR A 513 5.92 4.24 21.57
C THR A 513 5.90 3.56 20.21
N THR A 514 7.07 3.06 19.80
CA THR A 514 7.21 2.38 18.52
C THR A 514 6.23 1.20 18.45
N ALA A 515 6.18 0.44 19.53
CA ALA A 515 5.30 -0.73 19.61
C ALA A 515 3.85 -0.42 19.25
N SER A 516 3.31 0.61 19.87
CA SER A 516 1.93 0.99 19.64
C SER A 516 1.75 2.11 18.60
N ARG A 517 2.72 2.27 17.71
CA ARG A 517 2.60 3.33 16.73
C ARG A 517 1.40 3.22 15.79
N GLY A 518 0.76 2.06 15.75
CA GLY A 518 -0.36 1.89 14.84
C GLY A 518 -1.76 1.97 15.44
N GLU A 519 -1.86 2.42 16.69
CA GLU A 519 -3.15 2.52 17.37
C GLU A 519 -3.90 3.81 17.09
N LEU A 520 -4.91 3.75 16.24
CA LEU A 520 -5.72 4.93 15.94
C LEU A 520 -4.83 6.09 15.54
N PHE A 521 -3.88 5.80 14.65
CA PHE A 521 -2.92 6.77 14.17
C PHE A 521 -3.49 7.63 13.07
N LEU A 522 -4.53 7.14 12.40
CA LEU A 522 -5.10 7.88 11.31
C LEU A 522 -6.61 8.00 11.35
N PHE A 523 -7.11 9.24 11.28
CA PHE A 523 -8.53 9.51 11.31
C PHE A 523 -9.02 10.02 9.96
N TRP A 524 -10.18 9.51 9.53
CA TRP A 524 -10.77 9.85 8.24
C TRP A 524 -12.13 10.54 8.27
N ASN A 525 -12.25 11.64 7.54
CA ASN A 525 -13.51 12.38 7.42
C ASN A 525 -13.94 12.28 5.95
N LEU A 526 -14.74 11.26 5.65
CA LEU A 526 -15.16 10.97 4.27
C LEU A 526 -16.63 11.09 3.92
N TYR A 527 -17.49 11.05 4.93
CA TYR A 527 -18.92 11.02 4.67
C TYR A 527 -19.81 12.23 4.84
N LYS A 528 -21.06 12.06 4.42
CA LYS A 528 -22.13 13.05 4.47
C LYS A 528 -22.52 13.32 5.93
N ALA A 529 -22.78 12.23 6.65
CA ALA A 529 -23.16 12.32 8.05
C ALA A 529 -21.94 12.59 8.92
N PRO A 530 -22.16 12.91 10.20
CA PRO A 530 -21.08 13.19 11.16
C PRO A 530 -20.36 11.90 11.50
N ILE A 531 -19.41 11.50 10.65
CA ILE A 531 -18.66 10.25 10.87
C ILE A 531 -17.14 10.30 10.68
N LEU A 532 -16.44 9.65 11.61
CA LEU A 532 -14.98 9.57 11.58
C LEU A 532 -14.56 8.10 11.63
N LEU A 533 -13.48 7.76 10.92
CA LEU A 533 -12.98 6.40 10.93
C LEU A 533 -11.61 6.48 11.56
N ALA A 534 -11.31 5.54 12.42
CA ALA A 534 -10.01 5.48 13.07
C ALA A 534 -9.39 4.17 12.60
N LEU A 535 -8.13 4.23 12.22
CA LEU A 535 -7.44 3.05 11.74
C LEU A 535 -6.57 2.38 12.83
N VAL A 536 -6.43 1.08 12.73
CA VAL A 536 -5.62 0.31 13.66
C VAL A 536 -4.70 -0.52 12.79
N ALA A 537 -3.42 -0.13 12.75
CA ALA A 537 -2.44 -0.79 11.90
C ALA A 537 -1.35 -1.58 12.62
N GLY A 538 -0.49 -2.21 11.82
CA GLY A 538 0.63 -2.97 12.33
C GLY A 538 0.35 -3.90 13.48
N GLU A 539 1.22 -3.92 14.49
CA GLU A 539 1.03 -4.80 15.63
C GLU A 539 -0.27 -4.56 16.35
N ALA A 540 -0.63 -3.29 16.49
CA ALA A 540 -1.87 -2.92 17.16
C ALA A 540 -3.06 -3.69 16.62
N ALA A 541 -3.25 -3.69 15.30
CA ALA A 541 -4.35 -4.37 14.65
C ALA A 541 -4.84 -5.65 15.34
N GLY A 542 -3.97 -6.66 15.43
CA GLY A 542 -4.35 -7.91 16.05
C GLY A 542 -4.71 -7.76 17.52
N ILE A 543 -3.80 -7.17 18.28
CA ILE A 543 -3.99 -6.96 19.70
C ILE A 543 -5.30 -6.25 20.03
N MET A 544 -5.51 -5.08 19.42
CA MET A 544 -6.73 -4.30 19.64
C MET A 544 -8.01 -5.10 19.46
N GLU A 545 -7.98 -6.15 18.65
CA GLU A 545 -9.16 -6.96 18.43
C GLU A 545 -9.62 -7.61 19.73
N ASN A 546 -8.68 -7.82 20.66
CA ASN A 546 -9.02 -8.45 21.94
C ASN A 546 -9.56 -7.49 22.98
N ILE A 547 -9.88 -6.27 22.56
CA ILE A 547 -10.41 -5.25 23.45
C ILE A 547 -11.84 -4.93 23.05
N SER A 548 -12.72 -4.77 24.04
CA SER A 548 -14.13 -4.50 23.78
C SER A 548 -14.38 -3.20 23.01
N ASP A 549 -15.46 -3.19 22.26
CA ASP A 549 -15.84 -2.02 21.49
C ASP A 549 -15.83 -0.79 22.38
N ASP A 550 -16.46 -0.90 23.53
CA ASP A 550 -16.53 0.23 24.46
C ASP A 550 -15.19 0.83 24.83
N VAL A 551 -14.24 -0.03 25.20
CA VAL A 551 -12.91 0.42 25.59
C VAL A 551 -12.19 1.01 24.38
N ILE A 552 -12.19 0.27 23.28
CA ILE A 552 -11.53 0.74 22.05
C ILE A 552 -12.11 2.09 21.62
N VAL A 553 -13.42 2.27 21.81
CA VAL A 553 -14.05 3.54 21.46
C VAL A 553 -13.60 4.61 22.43
N GLY A 554 -13.65 4.30 23.71
CA GLY A 554 -13.23 5.26 24.71
C GLY A 554 -11.85 5.81 24.44
N ARG A 555 -10.93 4.94 24.03
CA ARG A 555 -9.58 5.40 23.73
C ARG A 555 -9.59 6.34 22.54
N CYS A 556 -10.48 6.09 21.59
CA CYS A 556 -10.58 6.97 20.43
C CYS A 556 -10.97 8.36 20.88
N LEU A 557 -11.97 8.39 21.75
CA LEU A 557 -12.49 9.65 22.27
C LEU A 557 -11.41 10.39 23.02
N ALA A 558 -10.62 9.63 23.78
CA ALA A 558 -9.53 10.22 24.50
C ALA A 558 -8.75 11.01 23.46
N ILE A 559 -8.22 10.30 22.47
CA ILE A 559 -7.44 10.88 21.36
C ILE A 559 -8.13 12.14 20.81
N LEU A 560 -9.35 11.97 20.28
CA LEU A 560 -10.11 13.07 19.71
C LEU A 560 -10.20 14.25 20.68
N LYS A 561 -10.62 13.98 21.91
CA LYS A 561 -10.74 15.05 22.88
C LYS A 561 -9.41 15.75 23.05
N GLY A 562 -8.32 14.99 23.06
CA GLY A 562 -7.02 15.63 23.19
C GLY A 562 -6.79 16.58 22.03
N ILE A 563 -7.24 16.20 20.83
CA ILE A 563 -7.06 17.04 19.64
C ILE A 563 -7.97 18.24 19.65
N PHE A 564 -9.26 18.00 19.89
CA PHE A 564 -10.27 19.05 19.88
C PHE A 564 -10.73 19.59 21.22
N GLY A 565 -10.29 18.95 22.30
CA GLY A 565 -10.69 19.40 23.63
C GLY A 565 -11.98 18.75 24.09
N SER A 566 -12.02 18.31 25.34
CA SER A 566 -13.21 17.68 25.90
C SER A 566 -14.35 18.68 25.83
N SER A 567 -15.58 18.17 25.88
CA SER A 567 -16.79 19.00 25.81
C SER A 567 -17.11 19.31 24.34
N ALA A 568 -16.06 19.32 23.52
CA ALA A 568 -16.15 19.57 22.08
C ALA A 568 -16.42 18.25 21.37
N VAL A 569 -16.07 17.17 22.05
CA VAL A 569 -16.25 15.82 21.55
C VAL A 569 -17.35 15.14 22.33
N PRO A 570 -18.52 14.98 21.72
CA PRO A 570 -19.68 14.34 22.34
C PRO A 570 -19.63 12.82 22.20
N GLN A 571 -20.57 12.14 22.84
CA GLN A 571 -20.61 10.69 22.76
C GLN A 571 -21.21 10.24 21.44
N PRO A 572 -20.66 9.16 20.88
CA PRO A 572 -21.10 8.56 19.61
C PRO A 572 -22.49 7.93 19.75
N LYS A 573 -23.39 8.25 18.83
CA LYS A 573 -24.72 7.66 18.90
C LYS A 573 -24.62 6.22 18.43
N GLU A 574 -23.62 5.95 17.59
CA GLU A 574 -23.37 4.64 17.02
C GLU A 574 -21.87 4.39 16.81
N THR A 575 -21.43 3.15 17.05
CA THR A 575 -20.03 2.79 16.84
C THR A 575 -19.92 1.41 16.23
N VAL A 576 -19.01 1.28 15.26
CA VAL A 576 -18.75 0.02 14.55
C VAL A 576 -17.25 -0.27 14.61
N VAL A 577 -16.90 -1.46 15.09
CA VAL A 577 -15.50 -1.86 15.22
C VAL A 577 -15.24 -3.18 14.53
N SER A 578 -14.37 -3.16 13.52
CA SER A 578 -14.07 -4.38 12.78
C SER A 578 -12.95 -5.18 13.46
N ARG A 579 -13.00 -6.49 13.24
CA ARG A 579 -12.02 -7.43 13.76
C ARG A 579 -11.85 -8.47 12.65
N TRP A 580 -11.25 -8.04 11.56
CA TRP A 580 -11.02 -8.87 10.39
C TRP A 580 -10.24 -10.16 10.60
N ARG A 581 -9.32 -10.16 11.56
CA ARG A 581 -8.56 -11.36 11.80
C ARG A 581 -9.51 -12.38 12.43
N ALA A 582 -10.30 -11.93 13.39
CA ALA A 582 -11.27 -12.79 14.06
C ALA A 582 -12.34 -13.32 13.12
N ASP A 583 -12.68 -12.51 12.11
CA ASP A 583 -13.69 -12.86 11.10
C ASP A 583 -13.30 -14.16 10.43
N PRO A 584 -14.04 -15.24 10.71
CA PRO A 584 -13.75 -16.54 10.13
C PRO A 584 -13.82 -16.54 8.63
N TRP A 585 -14.64 -15.66 8.07
CA TRP A 585 -14.78 -15.61 6.61
C TRP A 585 -13.70 -14.73 5.97
N ALA A 586 -12.70 -14.35 6.75
CA ALA A 586 -11.62 -13.50 6.27
C ALA A 586 -10.25 -13.91 6.81
N ARG A 587 -10.06 -13.72 8.12
CA ARG A 587 -8.83 -14.03 8.82
C ARG A 587 -7.70 -13.07 8.44
N GLY A 588 -8.03 -11.78 8.37
CA GLY A 588 -7.03 -10.79 7.99
C GLY A 588 -7.56 -9.84 6.95
N SER A 589 -6.87 -8.73 6.71
CA SER A 589 -7.35 -7.77 5.73
C SER A 589 -6.96 -8.09 4.29
N TYR A 590 -5.67 -8.27 4.04
CA TYR A 590 -5.21 -8.61 2.71
C TYR A 590 -3.76 -9.05 2.70
N SER A 591 -3.40 -9.70 1.60
CA SER A 591 -2.07 -10.24 1.40
C SER A 591 -0.97 -9.19 1.35
N TYR A 592 0.26 -9.68 1.44
CA TYR A 592 1.43 -8.84 1.38
C TYR A 592 2.63 -9.74 1.13
N VAL A 593 3.61 -9.24 0.37
CA VAL A 593 4.81 -10.01 0.08
C VAL A 593 5.65 -10.10 1.37
N ALA A 594 5.67 -11.28 1.97
CA ALA A 594 6.40 -11.52 3.21
C ALA A 594 7.86 -11.71 2.94
N ALA A 595 8.67 -11.48 3.97
CA ALA A 595 10.12 -11.66 3.87
C ALA A 595 10.32 -13.16 3.70
N GLY A 596 10.84 -13.57 2.55
CA GLY A 596 11.04 -14.99 2.32
C GLY A 596 10.16 -15.45 1.18
N SER A 597 9.16 -14.65 0.86
CA SER A 597 8.26 -14.95 -0.23
C SER A 597 8.57 -14.00 -1.39
N SER A 598 7.81 -14.09 -2.48
CA SER A 598 8.03 -13.20 -3.60
C SER A 598 6.82 -13.14 -4.49
N GLY A 599 6.88 -12.26 -5.48
CA GLY A 599 5.77 -12.10 -6.41
C GLY A 599 5.45 -13.37 -7.16
N ASN A 600 6.34 -14.34 -7.08
CA ASN A 600 6.10 -15.56 -7.79
C ASN A 600 5.06 -16.42 -7.12
N ASP A 601 4.83 -16.18 -5.85
CA ASP A 601 3.83 -16.95 -5.15
C ASP A 601 2.43 -16.50 -5.55
N TYR A 602 2.32 -15.27 -6.03
CA TYR A 602 1.04 -14.76 -6.45
C TYR A 602 0.65 -15.50 -7.73
N ASP A 603 1.67 -15.85 -8.51
CA ASP A 603 1.44 -16.58 -9.75
C ASP A 603 1.08 -18.03 -9.41
N LEU A 604 1.86 -18.66 -8.54
CA LEU A 604 1.63 -20.04 -8.11
C LEU A 604 0.22 -20.20 -7.54
N MET A 605 -0.28 -19.15 -6.90
CA MET A 605 -1.62 -19.17 -6.35
C MET A 605 -2.62 -19.27 -7.49
N ALA A 606 -2.56 -18.31 -8.40
CA ALA A 606 -3.46 -18.29 -9.54
C ALA A 606 -3.41 -19.59 -10.36
N GLN A 607 -2.30 -20.32 -10.28
CA GLN A 607 -2.18 -21.58 -11.03
C GLN A 607 -3.28 -22.59 -10.73
N PRO A 608 -4.07 -22.96 -11.75
CA PRO A 608 -5.16 -23.93 -11.60
C PRO A 608 -4.65 -25.30 -11.19
N ILE A 609 -5.52 -26.10 -10.59
CA ILE A 609 -5.13 -27.44 -10.16
C ILE A 609 -5.83 -28.47 -11.03
N THR A 610 -5.06 -29.34 -11.66
CA THR A 610 -5.64 -30.38 -12.50
C THR A 610 -5.19 -31.69 -11.88
N PRO A 611 -6.03 -32.74 -11.95
CA PRO A 611 -5.62 -34.02 -11.37
C PRO A 611 -5.02 -34.99 -12.39
N PRO A 621 -6.09 -34.73 -16.14
CA PRO A 621 -5.90 -34.51 -17.60
C PRO A 621 -6.53 -33.19 -18.05
N ILE A 622 -7.41 -32.63 -17.22
CA ILE A 622 -8.07 -31.37 -17.54
C ILE A 622 -8.24 -30.51 -16.28
N PRO A 623 -7.82 -29.23 -16.35
CA PRO A 623 -7.92 -28.29 -15.22
C PRO A 623 -9.33 -28.22 -14.67
N ARG A 624 -9.47 -28.52 -13.37
CA ARG A 624 -10.77 -28.51 -12.72
C ARG A 624 -10.97 -27.39 -11.68
N LEU A 625 -10.02 -27.29 -10.76
CA LEU A 625 -10.06 -26.30 -9.69
C LEU A 625 -9.27 -25.04 -10.06
N PHE A 626 -9.93 -23.88 -9.95
CA PHE A 626 -9.32 -22.59 -10.27
C PHE A 626 -9.36 -21.60 -9.10
N PHE A 627 -8.33 -20.78 -9.00
CA PHE A 627 -8.27 -19.80 -7.94
C PHE A 627 -8.29 -18.35 -8.45
N ALA A 628 -8.97 -17.49 -7.71
CA ALA A 628 -9.04 -16.08 -8.03
C ALA A 628 -9.08 -15.32 -6.71
N GLY A 629 -8.89 -14.00 -6.79
CA GLY A 629 -8.87 -13.17 -5.60
C GLY A 629 -7.59 -12.38 -5.49
N GLU A 630 -7.62 -11.28 -4.73
CA GLU A 630 -6.48 -10.40 -4.56
C GLU A 630 -5.11 -11.07 -4.35
N HIS A 631 -5.10 -12.22 -3.70
CA HIS A 631 -3.84 -12.91 -3.44
C HIS A 631 -3.42 -13.81 -4.60
N THR A 632 -4.10 -13.67 -5.73
CA THR A 632 -3.79 -14.50 -6.89
C THR A 632 -3.36 -13.64 -8.06
N ILE A 633 -3.50 -12.32 -7.91
CA ILE A 633 -3.16 -11.38 -8.96
C ILE A 633 -1.88 -10.58 -8.63
N ARG A 634 -0.75 -11.17 -8.98
CA ARG A 634 0.58 -10.62 -8.75
C ARG A 634 0.82 -9.13 -9.00
N ASN A 635 0.32 -8.58 -10.10
CA ASN A 635 0.58 -7.16 -10.40
C ASN A 635 -0.32 -6.15 -9.73
N TYR A 636 -1.47 -6.62 -9.24
CA TYR A 636 -2.43 -5.74 -8.60
C TYR A 636 -2.95 -6.42 -7.34
N PRO A 637 -2.04 -6.93 -6.50
CA PRO A 637 -2.37 -7.61 -5.25
C PRO A 637 -2.95 -6.72 -4.16
N ALA A 638 -3.71 -7.38 -3.28
CA ALA A 638 -4.38 -6.80 -2.12
C ALA A 638 -5.34 -5.65 -2.37
N THR A 639 -6.03 -5.67 -3.50
CA THR A 639 -6.96 -4.60 -3.81
C THR A 639 -8.32 -5.01 -4.38
N VAL A 640 -9.28 -4.10 -4.31
CA VAL A 640 -10.59 -4.37 -4.86
C VAL A 640 -10.43 -4.56 -6.36
N HIS A 641 -9.70 -3.67 -7.03
CA HIS A 641 -9.50 -3.84 -8.47
C HIS A 641 -8.64 -5.07 -8.75
N GLY A 642 -7.72 -5.39 -7.83
CA GLY A 642 -6.91 -6.58 -8.01
C GLY A 642 -7.88 -7.74 -8.05
N ALA A 643 -8.74 -7.82 -7.04
CA ALA A 643 -9.75 -8.87 -6.97
C ALA A 643 -10.53 -8.89 -8.27
N LEU A 644 -11.03 -7.73 -8.69
CA LEU A 644 -11.81 -7.64 -9.91
C LEU A 644 -11.12 -8.32 -11.10
N LEU A 645 -9.92 -7.88 -11.42
CA LEU A 645 -9.21 -8.48 -12.53
C LEU A 645 -8.98 -9.98 -12.36
N SER A 646 -8.55 -10.43 -11.18
CA SER A 646 -8.33 -11.86 -10.98
C SER A 646 -9.63 -12.62 -11.30
N GLY A 647 -10.77 -11.95 -11.12
CA GLY A 647 -12.03 -12.58 -11.44
C GLY A 647 -12.11 -12.74 -12.95
N LEU A 648 -12.10 -11.63 -13.67
CA LEU A 648 -12.13 -11.64 -15.13
C LEU A 648 -11.09 -12.61 -15.68
N ARG A 649 -9.92 -12.62 -15.04
CA ARG A 649 -8.84 -13.49 -15.47
C ARG A 649 -9.29 -14.96 -15.57
N GLU A 650 -9.74 -15.53 -14.45
CA GLU A 650 -10.18 -16.92 -14.41
C GLU A 650 -11.42 -17.16 -15.26
N ALA A 651 -12.35 -16.22 -15.23
CA ALA A 651 -13.55 -16.39 -16.03
C ALA A 651 -13.10 -16.72 -17.45
N GLY A 652 -12.13 -15.94 -17.96
CA GLY A 652 -11.62 -16.18 -19.30
C GLY A 652 -10.94 -17.53 -19.43
N ARG A 653 -10.00 -17.81 -18.53
CA ARG A 653 -9.25 -19.07 -18.51
C ARG A 653 -10.21 -20.27 -18.54
N ILE A 654 -11.27 -20.21 -17.73
CA ILE A 654 -12.26 -21.29 -17.64
C ILE A 654 -13.10 -21.38 -18.91
N ALA A 655 -13.54 -20.24 -19.41
CA ALA A 655 -14.31 -20.22 -20.64
C ALA A 655 -13.48 -20.86 -21.75
N ASP A 656 -12.20 -20.52 -21.82
CA ASP A 656 -11.35 -21.11 -22.83
C ASP A 656 -11.30 -22.64 -22.69
N GLN A 657 -11.35 -23.13 -21.46
CA GLN A 657 -11.28 -24.57 -21.22
C GLN A 657 -12.57 -25.30 -21.48
N PHE A 658 -13.68 -24.72 -21.04
CA PHE A 658 -14.95 -25.40 -21.20
C PHE A 658 -15.77 -25.06 -22.44
N LEU A 659 -15.63 -23.85 -22.94
CA LEU A 659 -16.35 -23.43 -24.14
C LEU A 659 -15.33 -23.32 -25.28
N GLY A 660 -14.05 -23.38 -24.91
CA GLY A 660 -12.96 -23.28 -25.86
C GLY A 660 -13.01 -21.97 -26.61
N ALA A 661 -12.95 -22.04 -27.95
CA ALA A 661 -13.01 -20.84 -28.75
C ALA A 661 -14.50 -20.52 -28.80
N MET A 662 -14.83 -19.23 -28.89
CA MET A 662 -16.19 -18.68 -28.94
C MET A 662 -17.32 -19.59 -29.46
#